data_8JVX
# 
_entry.id   8JVX 
# 
_audit_conform.dict_name       mmcif_pdbx.dic 
_audit_conform.dict_version    5.395 
_audit_conform.dict_location   http://mmcif.pdb.org/dictionaries/ascii/mmcif_pdbx.dic 
# 
loop_
_database_2.database_id 
_database_2.database_code 
_database_2.pdbx_database_accession 
_database_2.pdbx_DOI 
PDB   8JVX         pdb_00008jvx 10.2210/pdb8jvx/pdb 
WWPDB D_1300038846 ?            ?                   
# 
loop_
_pdbx_audit_revision_history.ordinal 
_pdbx_audit_revision_history.data_content_type 
_pdbx_audit_revision_history.major_revision 
_pdbx_audit_revision_history.minor_revision 
_pdbx_audit_revision_history.revision_date 
1 'Structure model' 1 0 2024-07-03 
2 'Structure model' 1 1 2024-08-07 
# 
_pdbx_audit_revision_details.ordinal             1 
_pdbx_audit_revision_details.revision_ordinal    1 
_pdbx_audit_revision_details.data_content_type   'Structure model' 
_pdbx_audit_revision_details.provider            repository 
_pdbx_audit_revision_details.type                'Initial release' 
_pdbx_audit_revision_details.description         ? 
_pdbx_audit_revision_details.details             ? 
# 
_pdbx_audit_revision_group.ordinal             1 
_pdbx_audit_revision_group.revision_ordinal    2 
_pdbx_audit_revision_group.data_content_type   'Structure model' 
_pdbx_audit_revision_group.group               'Database references' 
# 
loop_
_pdbx_audit_revision_category.ordinal 
_pdbx_audit_revision_category.revision_ordinal 
_pdbx_audit_revision_category.data_content_type 
_pdbx_audit_revision_category.category 
1 2 'Structure model' citation        
2 2 'Structure model' citation_author 
# 
loop_
_pdbx_audit_revision_item.ordinal 
_pdbx_audit_revision_item.revision_ordinal 
_pdbx_audit_revision_item.data_content_type 
_pdbx_audit_revision_item.item 
1  2 'Structure model' '_citation.country'                 
2  2 'Structure model' '_citation.journal_abbrev'          
3  2 'Structure model' '_citation.journal_id_CSD'          
4  2 'Structure model' '_citation.journal_id_ISSN'         
5  2 'Structure model' '_citation.journal_volume'          
6  2 'Structure model' '_citation.page_first'              
7  2 'Structure model' '_citation.page_last'               
8  2 'Structure model' '_citation.pdbx_database_id_DOI'    
9  2 'Structure model' '_citation.pdbx_database_id_PubMed' 
10 2 'Structure model' '_citation.title'                   
11 2 'Structure model' '_citation.year'                    
12 2 'Structure model' '_citation_author.identifier_ORCID' 
# 
_pdbx_database_status.status_code                     REL 
_pdbx_database_status.status_code_sf                  REL 
_pdbx_database_status.status_code_mr                  ? 
_pdbx_database_status.entry_id                        8JVX 
_pdbx_database_status.recvd_initial_deposition_date   2023-06-28 
_pdbx_database_status.SG_entry                        N 
_pdbx_database_status.deposit_site                    PDBJ 
_pdbx_database_status.process_site                    PDBJ 
_pdbx_database_status.status_code_cs                  ? 
_pdbx_database_status.status_code_nmr_data            ? 
_pdbx_database_status.methods_development_category    ? 
_pdbx_database_status.pdb_format_compatible           Y 
# 
_pdbx_contact_author.id                 2 
_pdbx_contact_author.email              shunsuke.tagami@riken.jp 
_pdbx_contact_author.name_first         Shunsuke 
_pdbx_contact_author.name_last          Tagami 
_pdbx_contact_author.name_mi            ? 
_pdbx_contact_author.role               'principal investigator/group leader' 
_pdbx_contact_author.identifier_ORCID   0000-0002-1720-3627 
# 
loop_
_audit_author.name 
_audit_author.pdbx_ordinal 
_audit_author.identifier_ORCID 
'Yagi, S.'   1 ? 
'Tagami, S.' 2 ? 
# 
_citation.abstract                  ? 
_citation.abstract_id_CAS           ? 
_citation.book_id_ISBN              ? 
_citation.book_publisher            ? 
_citation.book_publisher_city       ? 
_citation.book_title                ? 
_citation.coordinate_linkage        ? 
_citation.country                   UK 
_citation.database_id_Medline       ? 
_citation.details                   ? 
_citation.id                        primary 
_citation.journal_abbrev            'Nat Commun' 
_citation.journal_id_ASTM           ? 
_citation.journal_id_CSD            ? 
_citation.journal_id_ISSN           2041-1723 
_citation.journal_full              ? 
_citation.journal_issue             ? 
_citation.journal_volume            15 
_citation.language                  ? 
_citation.page_first                5938 
_citation.page_last                 5938 
_citation.title                     
'An ancestral fold reveals the evolutionary link between RNA polymerase and ribosomal proteins.' 
_citation.year                      2024 
_citation.database_id_CSD           ? 
_citation.pdbx_database_id_DOI      10.1038/s41467-024-50013-9 
_citation.pdbx_database_id_PubMed   39025855 
_citation.pdbx_database_id_patent   ? 
_citation.unpublished_flag          ? 
# 
loop_
_citation_author.citation_id 
_citation_author.name 
_citation_author.ordinal 
_citation_author.identifier_ORCID 
primary 'Yagi, S.'   1 0000-0002-7117-3318 
primary 'Tagami, S.' 2 0000-0002-1720-3627 
# 
loop_
_entity.id 
_entity.type 
_entity.src_method 
_entity.pdbx_description 
_entity.formula_weight 
_entity.pdbx_number_of_molecules 
_entity.pdbx_ec 
_entity.pdbx_mutation 
_entity.pdbx_fragment 
_entity.details 
1 polymer man mkaL2_v1.2_Z 4509.491 2  ? ? ? ? 
2 water   nat water        18.015   43 ? ? ? ? 
# 
_entity_poly.entity_id                      1 
_entity_poly.type                           'polypeptide(L)' 
_entity_poly.nstd_linkage                   no 
_entity_poly.nstd_monomer                   no 
_entity_poly.pdbx_seq_one_letter_code       GPMPGKKFVARVVEARAEDVGKRVVIIPKGIKVGDVVEVKKV 
_entity_poly.pdbx_seq_one_letter_code_can   GPMPGKKFVARVVEARAEDVGKRVVIIPKGIKVGDVVEVKKV 
_entity_poly.pdbx_strand_id                 A,B 
_entity_poly.pdbx_target_identifier         ? 
# 
_pdbx_entity_nonpoly.entity_id   2 
_pdbx_entity_nonpoly.name        water 
_pdbx_entity_nonpoly.comp_id     HOH 
# 
loop_
_entity_poly_seq.entity_id 
_entity_poly_seq.num 
_entity_poly_seq.mon_id 
_entity_poly_seq.hetero 
1 1  GLY n 
1 2  PRO n 
1 3  MET n 
1 4  PRO n 
1 5  GLY n 
1 6  LYS n 
1 7  LYS n 
1 8  PHE n 
1 9  VAL n 
1 10 ALA n 
1 11 ARG n 
1 12 VAL n 
1 13 VAL n 
1 14 GLU n 
1 15 ALA n 
1 16 ARG n 
1 17 ALA n 
1 18 GLU n 
1 19 ASP n 
1 20 VAL n 
1 21 GLY n 
1 22 LYS n 
1 23 ARG n 
1 24 VAL n 
1 25 VAL n 
1 26 ILE n 
1 27 ILE n 
1 28 PRO n 
1 29 LYS n 
1 30 GLY n 
1 31 ILE n 
1 32 LYS n 
1 33 VAL n 
1 34 GLY n 
1 35 ASP n 
1 36 VAL n 
1 37 VAL n 
1 38 GLU n 
1 39 VAL n 
1 40 LYS n 
1 41 LYS n 
1 42 VAL n 
# 
_entity_src_gen.entity_id                          1 
_entity_src_gen.pdbx_src_id                        1 
_entity_src_gen.pdbx_alt_source_flag               sample 
_entity_src_gen.pdbx_seq_type                      'Biological sequence' 
_entity_src_gen.pdbx_beg_seq_num                   1 
_entity_src_gen.pdbx_end_seq_num                   42 
_entity_src_gen.gene_src_common_name               ? 
_entity_src_gen.gene_src_genus                     ? 
_entity_src_gen.pdbx_gene_src_gene                 ? 
_entity_src_gen.gene_src_species                   ? 
_entity_src_gen.gene_src_strain                    ? 
_entity_src_gen.gene_src_tissue                    ? 
_entity_src_gen.gene_src_tissue_fraction           ? 
_entity_src_gen.gene_src_details                   ? 
_entity_src_gen.pdbx_gene_src_fragment             ? 
_entity_src_gen.pdbx_gene_src_scientific_name      'synthetic construct' 
_entity_src_gen.pdbx_gene_src_ncbi_taxonomy_id     32630 
_entity_src_gen.pdbx_gene_src_variant              ? 
_entity_src_gen.pdbx_gene_src_cell_line            ? 
_entity_src_gen.pdbx_gene_src_atcc                 ? 
_entity_src_gen.pdbx_gene_src_organ                ? 
_entity_src_gen.pdbx_gene_src_organelle            ? 
_entity_src_gen.pdbx_gene_src_cell                 ? 
_entity_src_gen.pdbx_gene_src_cellular_location    ? 
_entity_src_gen.host_org_common_name               ? 
_entity_src_gen.pdbx_host_org_scientific_name      'Escherichia coli BL21(DE3)' 
_entity_src_gen.pdbx_host_org_ncbi_taxonomy_id     469008 
_entity_src_gen.host_org_genus                     ? 
_entity_src_gen.pdbx_host_org_gene                 ? 
_entity_src_gen.pdbx_host_org_organ                ? 
_entity_src_gen.host_org_species                   ? 
_entity_src_gen.pdbx_host_org_tissue               ? 
_entity_src_gen.pdbx_host_org_tissue_fraction      ? 
_entity_src_gen.pdbx_host_org_strain               ? 
_entity_src_gen.pdbx_host_org_variant              ? 
_entity_src_gen.pdbx_host_org_cell_line            ? 
_entity_src_gen.pdbx_host_org_atcc                 ? 
_entity_src_gen.pdbx_host_org_culture_collection   ? 
_entity_src_gen.pdbx_host_org_cell                 ? 
_entity_src_gen.pdbx_host_org_organelle            ? 
_entity_src_gen.pdbx_host_org_cellular_location    ? 
_entity_src_gen.pdbx_host_org_vector_type          ? 
_entity_src_gen.pdbx_host_org_vector               ? 
_entity_src_gen.host_org_details                   ? 
_entity_src_gen.expression_system_id               ? 
_entity_src_gen.plasmid_name                       ? 
_entity_src_gen.plasmid_details                    ? 
_entity_src_gen.pdbx_description                   ? 
# 
loop_
_chem_comp.id 
_chem_comp.type 
_chem_comp.mon_nstd_flag 
_chem_comp.name 
_chem_comp.pdbx_synonyms 
_chem_comp.formula 
_chem_comp.formula_weight 
ALA 'L-peptide linking' y ALANINE         ? 'C3 H7 N O2'     89.093  
ARG 'L-peptide linking' y ARGININE        ? 'C6 H15 N4 O2 1' 175.209 
ASP 'L-peptide linking' y 'ASPARTIC ACID' ? 'C4 H7 N O4'     133.103 
GLU 'L-peptide linking' y 'GLUTAMIC ACID' ? 'C5 H9 N O4'     147.129 
GLY 'peptide linking'   y GLYCINE         ? 'C2 H5 N O2'     75.067  
HOH non-polymer         . WATER           ? 'H2 O'           18.015  
ILE 'L-peptide linking' y ISOLEUCINE      ? 'C6 H13 N O2'    131.173 
LYS 'L-peptide linking' y LYSINE          ? 'C6 H15 N2 O2 1' 147.195 
MET 'L-peptide linking' y METHIONINE      ? 'C5 H11 N O2 S'  149.211 
PHE 'L-peptide linking' y PHENYLALANINE   ? 'C9 H11 N O2'    165.189 
PRO 'L-peptide linking' y PROLINE         ? 'C5 H9 N O2'     115.130 
VAL 'L-peptide linking' y VALINE          ? 'C5 H11 N O2'    117.146 
# 
loop_
_pdbx_poly_seq_scheme.asym_id 
_pdbx_poly_seq_scheme.entity_id 
_pdbx_poly_seq_scheme.seq_id 
_pdbx_poly_seq_scheme.mon_id 
_pdbx_poly_seq_scheme.ndb_seq_num 
_pdbx_poly_seq_scheme.pdb_seq_num 
_pdbx_poly_seq_scheme.auth_seq_num 
_pdbx_poly_seq_scheme.pdb_mon_id 
_pdbx_poly_seq_scheme.auth_mon_id 
_pdbx_poly_seq_scheme.pdb_strand_id 
_pdbx_poly_seq_scheme.pdb_ins_code 
_pdbx_poly_seq_scheme.hetero 
A 1 1  GLY 1  1  ?  ?   ?   A . n 
A 1 2  PRO 2  2  ?  ?   ?   A . n 
A 1 3  MET 3  3  ?  ?   ?   A . n 
A 1 4  PRO 4  4  ?  ?   ?   A . n 
A 1 5  GLY 5  5  ?  ?   ?   A . n 
A 1 6  LYS 6  6  6  LYS LYS A . n 
A 1 7  LYS 7  7  7  LYS LYS A . n 
A 1 8  PHE 8  8  8  PHE PHE A . n 
A 1 9  VAL 9  9  9  VAL VAL A . n 
A 1 10 ALA 10 10 10 ALA ALA A . n 
A 1 11 ARG 11 11 11 ARG ARG A . n 
A 1 12 VAL 12 12 12 VAL VAL A . n 
A 1 13 VAL 13 13 13 VAL VAL A . n 
A 1 14 GLU 14 14 14 GLU GLU A . n 
A 1 15 ALA 15 15 15 ALA ALA A . n 
A 1 16 ARG 16 16 16 ARG ARG A . n 
A 1 17 ALA 17 17 17 ALA ALA A . n 
A 1 18 GLU 18 18 18 GLU GLU A . n 
A 1 19 ASP 19 19 19 ASP ASP A . n 
A 1 20 VAL 20 20 20 VAL VAL A . n 
A 1 21 GLY 21 21 21 GLY GLY A . n 
A 1 22 LYS 22 22 22 LYS LYS A . n 
A 1 23 ARG 23 23 23 ARG ARG A . n 
A 1 24 VAL 24 24 24 VAL VAL A . n 
A 1 25 VAL 25 25 25 VAL VAL A . n 
A 1 26 ILE 26 26 26 ILE ILE A . n 
A 1 27 ILE 27 27 27 ILE ILE A . n 
A 1 28 PRO 28 28 28 PRO PRO A . n 
A 1 29 LYS 29 29 29 LYS LYS A . n 
A 1 30 GLY 30 30 30 GLY GLY A . n 
A 1 31 ILE 31 31 31 ILE ILE A . n 
A 1 32 LYS 32 32 32 LYS LYS A . n 
A 1 33 VAL 33 33 33 VAL VAL A . n 
A 1 34 GLY 34 34 34 GLY GLY A . n 
A 1 35 ASP 35 35 35 ASP ASP A . n 
A 1 36 VAL 36 36 36 VAL VAL A . n 
A 1 37 VAL 37 37 37 VAL VAL A . n 
A 1 38 GLU 38 38 38 GLU GLU A . n 
A 1 39 VAL 39 39 39 VAL VAL A . n 
A 1 40 LYS 40 40 40 LYS LYS A . n 
A 1 41 LYS 41 41 41 LYS LYS A . n 
A 1 42 VAL 42 42 42 VAL VAL A . n 
B 1 1  GLY 1  1  ?  ?   ?   B . n 
B 1 2  PRO 2  2  ?  ?   ?   B . n 
B 1 3  MET 3  3  ?  ?   ?   B . n 
B 1 4  PRO 4  4  4  PRO PRO B . n 
B 1 5  GLY 5  5  5  GLY GLY B . n 
B 1 6  LYS 6  6  6  LYS LYS B . n 
B 1 7  LYS 7  7  7  LYS LYS B . n 
B 1 8  PHE 8  8  8  PHE PHE B . n 
B 1 9  VAL 9  9  9  VAL VAL B . n 
B 1 10 ALA 10 10 10 ALA ALA B . n 
B 1 11 ARG 11 11 11 ARG ARG B . n 
B 1 12 VAL 12 12 12 VAL VAL B . n 
B 1 13 VAL 13 13 13 VAL VAL B . n 
B 1 14 GLU 14 14 14 GLU GLU B . n 
B 1 15 ALA 15 15 15 ALA ALA B . n 
B 1 16 ARG 16 16 16 ARG ARG B . n 
B 1 17 ALA 17 17 17 ALA ALA B . n 
B 1 18 GLU 18 18 18 GLU GLU B . n 
B 1 19 ASP 19 19 19 ASP ASP B . n 
B 1 20 VAL 20 20 20 VAL VAL B . n 
B 1 21 GLY 21 21 21 GLY GLY B . n 
B 1 22 LYS 22 22 22 LYS LYS B . n 
B 1 23 ARG 23 23 23 ARG ARG B . n 
B 1 24 VAL 24 24 24 VAL VAL B . n 
B 1 25 VAL 25 25 25 VAL VAL B . n 
B 1 26 ILE 26 26 26 ILE ILE B . n 
B 1 27 ILE 27 27 27 ILE ILE B . n 
B 1 28 PRO 28 28 28 PRO PRO B . n 
B 1 29 LYS 29 29 29 LYS LYS B . n 
B 1 30 GLY 30 30 30 GLY GLY B . n 
B 1 31 ILE 31 31 31 ILE ILE B . n 
B 1 32 LYS 32 32 32 LYS LYS B . n 
B 1 33 VAL 33 33 33 VAL VAL B . n 
B 1 34 GLY 34 34 34 GLY GLY B . n 
B 1 35 ASP 35 35 35 ASP ASP B . n 
B 1 36 VAL 36 36 36 VAL VAL B . n 
B 1 37 VAL 37 37 37 VAL VAL B . n 
B 1 38 GLU 38 38 38 GLU GLU B . n 
B 1 39 VAL 39 39 39 VAL VAL B . n 
B 1 40 LYS 40 40 40 LYS LYS B . n 
B 1 41 LYS 41 41 41 LYS LYS B . n 
B 1 42 VAL 42 42 42 VAL VAL B . n 
# 
loop_
_pdbx_nonpoly_scheme.asym_id 
_pdbx_nonpoly_scheme.entity_id 
_pdbx_nonpoly_scheme.mon_id 
_pdbx_nonpoly_scheme.ndb_seq_num 
_pdbx_nonpoly_scheme.pdb_seq_num 
_pdbx_nonpoly_scheme.auth_seq_num 
_pdbx_nonpoly_scheme.pdb_mon_id 
_pdbx_nonpoly_scheme.auth_mon_id 
_pdbx_nonpoly_scheme.pdb_strand_id 
_pdbx_nonpoly_scheme.pdb_ins_code 
C 2 HOH 1  101 28 HOH HOH A . 
C 2 HOH 2  102 33 HOH HOH A . 
C 2 HOH 3  103 21 HOH HOH A . 
C 2 HOH 4  104 12 HOH HOH A . 
C 2 HOH 5  105 2  HOH HOH A . 
C 2 HOH 6  106 7  HOH HOH A . 
C 2 HOH 7  107 5  HOH HOH A . 
C 2 HOH 8  108 10 HOH HOH A . 
C 2 HOH 9  109 1  HOH HOH A . 
C 2 HOH 10 110 31 HOH HOH A . 
C 2 HOH 11 111 17 HOH HOH A . 
C 2 HOH 12 112 35 HOH HOH A . 
C 2 HOH 13 113 32 HOH HOH A . 
C 2 HOH 14 114 40 HOH HOH A . 
C 2 HOH 15 115 20 HOH HOH A . 
C 2 HOH 16 116 38 HOH HOH A . 
C 2 HOH 17 117 16 HOH HOH A . 
C 2 HOH 18 118 37 HOH HOH A . 
C 2 HOH 19 119 27 HOH HOH A . 
C 2 HOH 20 120 41 HOH HOH A . 
C 2 HOH 21 121 29 HOH HOH A . 
C 2 HOH 22 122 23 HOH HOH A . 
C 2 HOH 23 123 26 HOH HOH A . 
D 2 HOH 1  101 42 HOH HOH B . 
D 2 HOH 2  102 30 HOH HOH B . 
D 2 HOH 3  103 11 HOH HOH B . 
D 2 HOH 4  104 15 HOH HOH B . 
D 2 HOH 5  105 9  HOH HOH B . 
D 2 HOH 6  106 13 HOH HOH B . 
D 2 HOH 7  107 14 HOH HOH B . 
D 2 HOH 8  108 18 HOH HOH B . 
D 2 HOH 9  109 3  HOH HOH B . 
D 2 HOH 10 110 4  HOH HOH B . 
D 2 HOH 11 111 24 HOH HOH B . 
D 2 HOH 12 112 22 HOH HOH B . 
D 2 HOH 13 113 8  HOH HOH B . 
D 2 HOH 14 114 36 HOH HOH B . 
D 2 HOH 15 115 19 HOH HOH B . 
D 2 HOH 16 116 6  HOH HOH B . 
D 2 HOH 17 117 34 HOH HOH B . 
D 2 HOH 18 118 43 HOH HOH B . 
D 2 HOH 19 119 25 HOH HOH B . 
D 2 HOH 20 120 39 HOH HOH B . 
# 
loop_
_software.citation_id 
_software.classification 
_software.compiler_name 
_software.compiler_version 
_software.contact_author 
_software.contact_author_email 
_software.date 
_software.description 
_software.dependencies 
_software.hardware 
_software.language 
_software.location 
_software.mods 
_software.name 
_software.os 
_software.os_version 
_software.type 
_software.version 
_software.pdbx_ordinal 
? refinement       ? ? ? ? ? ? ? ? ? ? ? PHENIX ? ? ? '(1.14_3260: ???)' 1 
? 'data reduction' ? ? ? ? ? ? ? ? ? ? ? XDS    ? ? ? .                  2 
? 'data scaling'   ? ? ? ? ? ? ? ? ? ? ? XDS    ? ? ? .                  3 
? phasing          ? ? ? ? ? ? ? ? ? ? ? PHENIX ? ? ? .                  4 
# 
_cell.angle_alpha                  90.00 
_cell.angle_alpha_esd              ? 
_cell.angle_beta                   90.00 
_cell.angle_beta_esd               ? 
_cell.angle_gamma                  90.00 
_cell.angle_gamma_esd              ? 
_cell.entry_id                     8JVX 
_cell.details                      ? 
_cell.formula_units_Z              ? 
_cell.length_a                     34.463 
_cell.length_a_esd                 ? 
_cell.length_b                     37.705 
_cell.length_b_esd                 ? 
_cell.length_c                     52.239 
_cell.length_c_esd                 ? 
_cell.volume                       ? 
_cell.volume_esd                   ? 
_cell.Z_PDB                        8 
_cell.reciprocal_angle_alpha       ? 
_cell.reciprocal_angle_beta        ? 
_cell.reciprocal_angle_gamma       ? 
_cell.reciprocal_angle_alpha_esd   ? 
_cell.reciprocal_angle_beta_esd    ? 
_cell.reciprocal_angle_gamma_esd   ? 
_cell.reciprocal_length_a          ? 
_cell.reciprocal_length_b          ? 
_cell.reciprocal_length_c          ? 
_cell.reciprocal_length_a_esd      ? 
_cell.reciprocal_length_b_esd      ? 
_cell.reciprocal_length_c_esd      ? 
_cell.pdbx_unique_axis             ? 
_cell.pdbx_esd_method              ? 
# 
_symmetry.entry_id                         8JVX 
_symmetry.cell_setting                     ? 
_symmetry.Int_Tables_number                19 
_symmetry.space_group_name_Hall            ? 
_symmetry.space_group_name_H-M             'P 21 21 21' 
_symmetry.pdbx_full_space_group_name_H-M   ? 
# 
_exptl.absorpt_coefficient_mu     ? 
_exptl.absorpt_correction_T_max   ? 
_exptl.absorpt_correction_T_min   ? 
_exptl.absorpt_correction_type    ? 
_exptl.absorpt_process_details    ? 
_exptl.entry_id                   8JVX 
_exptl.crystals_number            1 
_exptl.details                    ? 
_exptl.method                     'X-RAY DIFFRACTION' 
_exptl.method_details             ? 
# 
_exptl_crystal.colour                       ? 
_exptl_crystal.density_diffrn               ? 
_exptl_crystal.density_Matthews             1.88 
_exptl_crystal.density_method               ? 
_exptl_crystal.density_percent_sol          34.63 
_exptl_crystal.description                  ? 
_exptl_crystal.F_000                        ? 
_exptl_crystal.id                           1 
_exptl_crystal.preparation                  ? 
_exptl_crystal.size_max                     ? 
_exptl_crystal.size_mid                     ? 
_exptl_crystal.size_min                     ? 
_exptl_crystal.size_rad                     ? 
_exptl_crystal.colour_lustre                ? 
_exptl_crystal.colour_modifier              ? 
_exptl_crystal.colour_primary               ? 
_exptl_crystal.density_meas                 ? 
_exptl_crystal.density_meas_esd             ? 
_exptl_crystal.density_meas_gt              ? 
_exptl_crystal.density_meas_lt              ? 
_exptl_crystal.density_meas_temp            ? 
_exptl_crystal.density_meas_temp_esd        ? 
_exptl_crystal.density_meas_temp_gt         ? 
_exptl_crystal.density_meas_temp_lt         ? 
_exptl_crystal.pdbx_crystal_image_url       ? 
_exptl_crystal.pdbx_crystal_image_format    ? 
_exptl_crystal.pdbx_mosaicity               ? 
_exptl_crystal.pdbx_mosaicity_esd           ? 
_exptl_crystal.pdbx_mosaic_method           ? 
_exptl_crystal.pdbx_mosaic_block_size       ? 
_exptl_crystal.pdbx_mosaic_block_size_esd   ? 
# 
_exptl_crystal_grow.apparatus       ? 
_exptl_crystal_grow.atmosphere      ? 
_exptl_crystal_grow.crystal_id      1 
_exptl_crystal_grow.details         ? 
_exptl_crystal_grow.method          'VAPOR DIFFUSION, SITTING DROP' 
_exptl_crystal_grow.method_ref      ? 
_exptl_crystal_grow.pH              ? 
_exptl_crystal_grow.pressure        ? 
_exptl_crystal_grow.pressure_esd    ? 
_exptl_crystal_grow.seeding         ? 
_exptl_crystal_grow.seeding_ref     ? 
_exptl_crystal_grow.temp_details    ? 
_exptl_crystal_grow.temp_esd        ? 
_exptl_crystal_grow.time            ? 
_exptl_crystal_grow.pdbx_details    '30% 2-propanol, 100mM Tris-HCl pH8.5, 30% PEG 3350' 
_exptl_crystal_grow.pdbx_pH_range   ? 
_exptl_crystal_grow.temp            293 
# 
_diffrn.ambient_environment              ? 
_diffrn.ambient_temp                     100 
_diffrn.ambient_temp_details             ? 
_diffrn.ambient_temp_esd                 ? 
_diffrn.crystal_id                       1 
_diffrn.crystal_support                  ? 
_diffrn.crystal_treatment                ? 
_diffrn.details                          ? 
_diffrn.id                               1 
_diffrn.ambient_pressure                 ? 
_diffrn.ambient_pressure_esd             ? 
_diffrn.ambient_pressure_gt              ? 
_diffrn.ambient_pressure_lt              ? 
_diffrn.ambient_temp_gt                  ? 
_diffrn.ambient_temp_lt                  ? 
_diffrn.pdbx_serial_crystal_experiment   N 
# 
_diffrn_detector.details                      ? 
_diffrn_detector.detector                     PIXEL 
_diffrn_detector.diffrn_id                    1 
_diffrn_detector.type                         'DECTRIS EIGER X 4M' 
_diffrn_detector.area_resol_mean              ? 
_diffrn_detector.dtime                        ? 
_diffrn_detector.pdbx_frames_total            ? 
_diffrn_detector.pdbx_collection_time_total   ? 
_diffrn_detector.pdbx_collection_date         2023-02-23 
_diffrn_detector.pdbx_frequency               ? 
_diffrn_detector.id                           ? 
_diffrn_detector.number_of_axes               ? 
# 
_diffrn_radiation.collimation                      ? 
_diffrn_radiation.diffrn_id                        1 
_diffrn_radiation.filter_edge                      ? 
_diffrn_radiation.inhomogeneity                    ? 
_diffrn_radiation.monochromator                    ? 
_diffrn_radiation.polarisn_norm                    ? 
_diffrn_radiation.polarisn_ratio                   ? 
_diffrn_radiation.probe                            ? 
_diffrn_radiation.type                             ? 
_diffrn_radiation.xray_symbol                      ? 
_diffrn_radiation.wavelength_id                    1 
_diffrn_radiation.pdbx_monochromatic_or_laue_m_l   M 
_diffrn_radiation.pdbx_wavelength_list             ? 
_diffrn_radiation.pdbx_wavelength                  ? 
_diffrn_radiation.pdbx_diffrn_protocol             'SINGLE WAVELENGTH' 
_diffrn_radiation.pdbx_analyzer                    ? 
_diffrn_radiation.pdbx_scattering_type             x-ray 
# 
_diffrn_radiation_wavelength.id           1 
_diffrn_radiation_wavelength.wavelength   1 
_diffrn_radiation_wavelength.wt           1.0 
# 
_diffrn_source.current                     ? 
_diffrn_source.details                     ? 
_diffrn_source.diffrn_id                   1 
_diffrn_source.power                       ? 
_diffrn_source.size                        ? 
_diffrn_source.source                      SYNCHROTRON 
_diffrn_source.target                      ? 
_diffrn_source.type                        'PHOTON FACTORY BEAMLINE BL-1A' 
_diffrn_source.voltage                     ? 
_diffrn_source.take-off_angle              ? 
_diffrn_source.pdbx_wavelength_list        1 
_diffrn_source.pdbx_wavelength             ? 
_diffrn_source.pdbx_synchrotron_beamline   BL-1A 
_diffrn_source.pdbx_synchrotron_site       'Photon Factory' 
# 
_reflns.B_iso_Wilson_estimate                          ? 
_reflns.entry_id                                       8JVX 
_reflns.data_reduction_details                         ? 
_reflns.data_reduction_method                          ? 
_reflns.d_resolution_high                              1.8 
_reflns.d_resolution_low                               50 
_reflns.details                                        ? 
_reflns.limit_h_max                                    ? 
_reflns.limit_h_min                                    ? 
_reflns.limit_k_max                                    ? 
_reflns.limit_k_min                                    ? 
_reflns.limit_l_max                                    ? 
_reflns.limit_l_min                                    ? 
_reflns.number_all                                     ? 
_reflns.number_obs                                     12049 
_reflns.observed_criterion                             ? 
_reflns.observed_criterion_F_max                       ? 
_reflns.observed_criterion_F_min                       ? 
_reflns.observed_criterion_I_max                       ? 
_reflns.observed_criterion_I_min                       ? 
_reflns.observed_criterion_sigma_F                     ? 
_reflns.observed_criterion_sigma_I                     ? 
_reflns.percent_possible_obs                           99.1 
_reflns.R_free_details                                 ? 
_reflns.Rmerge_F_all                                   ? 
_reflns.Rmerge_F_obs                                   ? 
_reflns.Friedel_coverage                               ? 
_reflns.number_gt                                      ? 
_reflns.threshold_expression                           ? 
_reflns.pdbx_redundancy                                3.5 
_reflns.pdbx_netI_over_av_sigmaI                       ? 
_reflns.pdbx_netI_over_sigmaI                          10.51 
_reflns.pdbx_res_netI_over_av_sigmaI_2                 ? 
_reflns.pdbx_res_netI_over_sigmaI_2                    ? 
_reflns.pdbx_chi_squared                               ? 
_reflns.pdbx_scaling_rejects                           ? 
_reflns.pdbx_d_res_high_opt                            ? 
_reflns.pdbx_d_res_low_opt                             ? 
_reflns.pdbx_d_res_opt_method                          ? 
_reflns.phase_calculation_details                      ? 
_reflns.pdbx_Rrim_I_all                                ? 
_reflns.pdbx_Rpim_I_all                                ? 
_reflns.pdbx_d_opt                                     ? 
_reflns.pdbx_number_measured_all                       ? 
_reflns.pdbx_diffrn_id                                 1 
_reflns.pdbx_ordinal                                   1 
_reflns.pdbx_CC_half                                   0.991 
_reflns.pdbx_CC_star                                   ? 
_reflns.pdbx_R_split                                   ? 
_reflns.pdbx_Rmerge_I_obs                              ? 
_reflns.pdbx_Rmerge_I_all                              ? 
_reflns.pdbx_Rsym_value                                ? 
_reflns.pdbx_CC_split_method                           ? 
_reflns.pdbx_aniso_diffraction_limit_axis_1_ortho[1]   ? 
_reflns.pdbx_aniso_diffraction_limit_axis_1_ortho[2]   ? 
_reflns.pdbx_aniso_diffraction_limit_axis_1_ortho[3]   ? 
_reflns.pdbx_aniso_diffraction_limit_axis_2_ortho[1]   ? 
_reflns.pdbx_aniso_diffraction_limit_axis_2_ortho[2]   ? 
_reflns.pdbx_aniso_diffraction_limit_axis_2_ortho[3]   ? 
_reflns.pdbx_aniso_diffraction_limit_axis_3_ortho[1]   ? 
_reflns.pdbx_aniso_diffraction_limit_axis_3_ortho[2]   ? 
_reflns.pdbx_aniso_diffraction_limit_axis_3_ortho[3]   ? 
_reflns.pdbx_aniso_diffraction_limit_1                 ? 
_reflns.pdbx_aniso_diffraction_limit_2                 ? 
_reflns.pdbx_aniso_diffraction_limit_3                 ? 
_reflns.pdbx_aniso_B_tensor_eigenvector_1_ortho[1]     ? 
_reflns.pdbx_aniso_B_tensor_eigenvector_1_ortho[2]     ? 
_reflns.pdbx_aniso_B_tensor_eigenvector_1_ortho[3]     ? 
_reflns.pdbx_aniso_B_tensor_eigenvector_2_ortho[1]     ? 
_reflns.pdbx_aniso_B_tensor_eigenvector_2_ortho[2]     ? 
_reflns.pdbx_aniso_B_tensor_eigenvector_2_ortho[3]     ? 
_reflns.pdbx_aniso_B_tensor_eigenvector_3_ortho[1]     ? 
_reflns.pdbx_aniso_B_tensor_eigenvector_3_ortho[2]     ? 
_reflns.pdbx_aniso_B_tensor_eigenvector_3_ortho[3]     ? 
_reflns.pdbx_aniso_B_tensor_eigenvalue_1               ? 
_reflns.pdbx_aniso_B_tensor_eigenvalue_2               ? 
_reflns.pdbx_aniso_B_tensor_eigenvalue_3               ? 
_reflns.pdbx_orthogonalization_convention              ? 
_reflns.pdbx_percent_possible_ellipsoidal              ? 
_reflns.pdbx_percent_possible_spherical                ? 
_reflns.pdbx_percent_possible_ellipsoidal_anomalous    ? 
_reflns.pdbx_percent_possible_spherical_anomalous      ? 
_reflns.pdbx_redundancy_anomalous                      ? 
_reflns.pdbx_CC_half_anomalous                         ? 
_reflns.pdbx_absDiff_over_sigma_anomalous              ? 
_reflns.pdbx_percent_possible_anomalous                ? 
_reflns.pdbx_observed_signal_threshold                 ? 
_reflns.pdbx_signal_type                               ? 
_reflns.pdbx_signal_details                            ? 
_reflns.pdbx_signal_software_id                        ? 
# 
_reflns_shell.d_res_high                                    1.8 
_reflns_shell.d_res_low                                     1.91 
_reflns_shell.meanI_over_sigI_all                           ? 
_reflns_shell.meanI_over_sigI_obs                           ? 
_reflns_shell.number_measured_all                           ? 
_reflns_shell.number_measured_obs                           ? 
_reflns_shell.number_possible                               ? 
_reflns_shell.number_unique_all                             ? 
_reflns_shell.number_unique_obs                             1919 
_reflns_shell.percent_possible_obs                          ? 
_reflns_shell.Rmerge_F_all                                  ? 
_reflns_shell.Rmerge_F_obs                                  ? 
_reflns_shell.meanI_over_sigI_gt                            ? 
_reflns_shell.meanI_over_uI_all                             ? 
_reflns_shell.meanI_over_uI_gt                              ? 
_reflns_shell.number_measured_gt                            ? 
_reflns_shell.number_unique_gt                              ? 
_reflns_shell.percent_possible_gt                           ? 
_reflns_shell.Rmerge_F_gt                                   ? 
_reflns_shell.Rmerge_I_gt                                   ? 
_reflns_shell.pdbx_redundancy                               ? 
_reflns_shell.pdbx_chi_squared                              ? 
_reflns_shell.pdbx_netI_over_sigmaI_all                     ? 
_reflns_shell.pdbx_netI_over_sigmaI_obs                     ? 
_reflns_shell.pdbx_Rrim_I_all                               ? 
_reflns_shell.pdbx_Rpim_I_all                               ? 
_reflns_shell.pdbx_rejects                                  ? 
_reflns_shell.pdbx_ordinal                                  1 
_reflns_shell.pdbx_diffrn_id                                1 
_reflns_shell.pdbx_CC_half                                  0.984 
_reflns_shell.pdbx_CC_star                                  ? 
_reflns_shell.pdbx_R_split                                  ? 
_reflns_shell.percent_possible_all                          ? 
_reflns_shell.Rmerge_I_all                                  ? 
_reflns_shell.Rmerge_I_obs                                  ? 
_reflns_shell.pdbx_Rsym_value                               ? 
_reflns_shell.pdbx_percent_possible_ellipsoidal             ? 
_reflns_shell.pdbx_percent_possible_spherical               ? 
_reflns_shell.pdbx_percent_possible_ellipsoidal_anomalous   ? 
_reflns_shell.pdbx_percent_possible_spherical_anomalous     ? 
_reflns_shell.pdbx_redundancy_anomalous                     ? 
_reflns_shell.pdbx_CC_half_anomalous                        ? 
_reflns_shell.pdbx_absDiff_over_sigma_anomalous             ? 
_reflns_shell.pdbx_percent_possible_anomalous               ? 
# 
_refine.aniso_B[1][1]                            ? 
_refine.aniso_B[1][2]                            ? 
_refine.aniso_B[1][3]                            ? 
_refine.aniso_B[2][2]                            ? 
_refine.aniso_B[2][3]                            ? 
_refine.aniso_B[3][3]                            ? 
_refine.B_iso_max                                ? 
_refine.B_iso_mean                               ? 
_refine.B_iso_min                                ? 
_refine.correlation_coeff_Fo_to_Fc               ? 
_refine.correlation_coeff_Fo_to_Fc_free          ? 
_refine.details                                  ? 
_refine.diff_density_max                         ? 
_refine.diff_density_max_esd                     ? 
_refine.diff_density_min                         ? 
_refine.diff_density_min_esd                     ? 
_refine.diff_density_rms                         ? 
_refine.diff_density_rms_esd                     ? 
_refine.entry_id                                 8JVX 
_refine.pdbx_refine_id                           'X-RAY DIFFRACTION' 
_refine.ls_abs_structure_details                 ? 
_refine.ls_abs_structure_Flack                   ? 
_refine.ls_abs_structure_Flack_esd               ? 
_refine.ls_abs_structure_Rogers                  ? 
_refine.ls_abs_structure_Rogers_esd              ? 
_refine.ls_d_res_high                            1.801 
_refine.ls_d_res_low                             30.573 
_refine.ls_extinction_coef                       ? 
_refine.ls_extinction_coef_esd                   ? 
_refine.ls_extinction_expression                 ? 
_refine.ls_extinction_method                     ? 
_refine.ls_goodness_of_fit_all                   ? 
_refine.ls_goodness_of_fit_all_esd               ? 
_refine.ls_goodness_of_fit_obs                   ? 
_refine.ls_goodness_of_fit_obs_esd               ? 
_refine.ls_hydrogen_treatment                    ? 
_refine.ls_matrix_type                           ? 
_refine.ls_number_constraints                    ? 
_refine.ls_number_parameters                     ? 
_refine.ls_number_reflns_all                     ? 
_refine.ls_number_reflns_obs                     12041 
_refine.ls_number_reflns_R_free                  1199 
_refine.ls_number_reflns_R_work                  ? 
_refine.ls_number_restraints                     ? 
_refine.ls_percent_reflns_obs                    99.05 
_refine.ls_percent_reflns_R_free                 9.96 
_refine.ls_R_factor_all                          ? 
_refine.ls_R_factor_obs                          0.2048 
_refine.ls_R_factor_R_free                       0.2178 
_refine.ls_R_factor_R_free_error                 ? 
_refine.ls_R_factor_R_free_error_details         ? 
_refine.ls_R_factor_R_work                       0.2032 
_refine.ls_R_Fsqd_factor_obs                     ? 
_refine.ls_R_I_factor_obs                        ? 
_refine.ls_redundancy_reflns_all                 ? 
_refine.ls_redundancy_reflns_obs                 ? 
_refine.ls_restrained_S_all                      ? 
_refine.ls_restrained_S_obs                      ? 
_refine.ls_shift_over_esd_max                    ? 
_refine.ls_shift_over_esd_mean                   ? 
_refine.ls_structure_factor_coef                 ? 
_refine.ls_weighting_details                     ? 
_refine.ls_weighting_scheme                      ? 
_refine.ls_wR_factor_all                         ? 
_refine.ls_wR_factor_obs                         ? 
_refine.ls_wR_factor_R_free                      ? 
_refine.ls_wR_factor_R_work                      ? 
_refine.occupancy_max                            ? 
_refine.occupancy_min                            ? 
_refine.solvent_model_details                    'FLAT BULK SOLVENT MODEL' 
_refine.solvent_model_param_bsol                 ? 
_refine.solvent_model_param_ksol                 ? 
_refine.pdbx_R_complete                          ? 
_refine.ls_R_factor_gt                           ? 
_refine.ls_goodness_of_fit_gt                    ? 
_refine.ls_goodness_of_fit_ref                   ? 
_refine.ls_shift_over_su_max                     ? 
_refine.ls_shift_over_su_max_lt                  ? 
_refine.ls_shift_over_su_mean                    ? 
_refine.ls_shift_over_su_mean_lt                 ? 
_refine.pdbx_ls_sigma_I                          ? 
_refine.pdbx_ls_sigma_F                          1.35 
_refine.pdbx_ls_sigma_Fsqd                       ? 
_refine.pdbx_data_cutoff_high_absF               ? 
_refine.pdbx_data_cutoff_high_rms_absF           ? 
_refine.pdbx_data_cutoff_low_absF                ? 
_refine.pdbx_isotropic_thermal_model             ? 
_refine.pdbx_ls_cross_valid_method               'FREE R-VALUE' 
_refine.pdbx_method_to_determine_struct          'MOLECULAR REPLACEMENT' 
_refine.pdbx_starting_model                      ? 
_refine.pdbx_stereochemistry_target_values       ML 
_refine.pdbx_R_Free_selection_details            ? 
_refine.pdbx_stereochem_target_val_spec_case     ? 
_refine.pdbx_overall_ESU_R                       ? 
_refine.pdbx_overall_ESU_R_Free                  ? 
_refine.pdbx_solvent_vdw_probe_radii             1.11 
_refine.pdbx_solvent_ion_probe_radii             ? 
_refine.pdbx_solvent_shrinkage_radii             0.90 
_refine.pdbx_real_space_R                        ? 
_refine.pdbx_density_correlation                 ? 
_refine.pdbx_pd_number_of_powder_patterns        ? 
_refine.pdbx_pd_number_of_points                 ? 
_refine.pdbx_pd_meas_number_of_points            ? 
_refine.pdbx_pd_proc_ls_prof_R_factor            ? 
_refine.pdbx_pd_proc_ls_prof_wR_factor           ? 
_refine.pdbx_pd_Marquardt_correlation_coeff      ? 
_refine.pdbx_pd_Fsqrd_R_factor                   ? 
_refine.pdbx_pd_ls_matrix_band_width             ? 
_refine.pdbx_overall_phase_error                 24.48 
_refine.pdbx_overall_SU_R_free_Cruickshank_DPI   ? 
_refine.pdbx_overall_SU_R_free_Blow_DPI          ? 
_refine.pdbx_overall_SU_R_Blow_DPI               ? 
_refine.pdbx_TLS_residual_ADP_flag               ? 
_refine.pdbx_diffrn_id                           1 
_refine.overall_SU_B                             ? 
_refine.overall_SU_ML                            0.19 
_refine.overall_SU_R_Cruickshank_DPI             ? 
_refine.overall_SU_R_free                        ? 
_refine.overall_FOM_free_R_set                   ? 
_refine.overall_FOM_work_R_set                   ? 
_refine.pdbx_average_fsc_overall                 ? 
_refine.pdbx_average_fsc_work                    ? 
_refine.pdbx_average_fsc_free                    ? 
# 
_refine_hist.pdbx_refine_id                   'X-RAY DIFFRACTION' 
_refine_hist.cycle_id                         LAST 
_refine_hist.details                          ? 
_refine_hist.d_res_high                       1.801 
_refine_hist.d_res_low                        30.573 
_refine_hist.number_atoms_solvent             43 
_refine_hist.number_atoms_total               626 
_refine_hist.number_reflns_all                ? 
_refine_hist.number_reflns_obs                ? 
_refine_hist.number_reflns_R_free             ? 
_refine_hist.number_reflns_R_work             ? 
_refine_hist.R_factor_all                     ? 
_refine_hist.R_factor_obs                     ? 
_refine_hist.R_factor_R_free                  ? 
_refine_hist.R_factor_R_work                  ? 
_refine_hist.pdbx_number_residues_total       ? 
_refine_hist.pdbx_B_iso_mean_ligand           ? 
_refine_hist.pdbx_B_iso_mean_solvent          ? 
_refine_hist.pdbx_number_atoms_protein        583 
_refine_hist.pdbx_number_atoms_nucleic_acid   0 
_refine_hist.pdbx_number_atoms_ligand         0 
_refine_hist.pdbx_number_atoms_lipid          ? 
_refine_hist.pdbx_number_atoms_carb           ? 
_refine_hist.pdbx_pseudo_atom_details         ? 
# 
loop_
_refine_ls_restr.pdbx_refine_id 
_refine_ls_restr.criterion 
_refine_ls_restr.dev_ideal 
_refine_ls_restr.dev_ideal_target 
_refine_ls_restr.number 
_refine_ls_restr.rejects 
_refine_ls_restr.type 
_refine_ls_restr.weight 
_refine_ls_restr.pdbx_restraint_function 
'X-RAY DIFFRACTION' ? 0.014  ? 603 ? f_bond_d           ? ? 
'X-RAY DIFFRACTION' ? 1.470  ? 808 ? f_angle_d          ? ? 
'X-RAY DIFFRACTION' ? 36.190 ? 245 ? f_dihedral_angle_d ? ? 
'X-RAY DIFFRACTION' ? 0.705  ? 100 ? f_chiral_restr     ? ? 
'X-RAY DIFFRACTION' ? 0.008  ? 100 ? f_plane_restr      ? ? 
# 
loop_
_refine_ls_shell.pdbx_refine_id 
_refine_ls_shell.d_res_high 
_refine_ls_shell.d_res_low 
_refine_ls_shell.number_reflns_all 
_refine_ls_shell.number_reflns_obs 
_refine_ls_shell.number_reflns_R_free 
_refine_ls_shell.number_reflns_R_work 
_refine_ls_shell.percent_reflns_obs 
_refine_ls_shell.percent_reflns_R_free 
_refine_ls_shell.R_factor_all 
_refine_ls_shell.R_factor_obs 
_refine_ls_shell.R_factor_R_free_error 
_refine_ls_shell.R_factor_R_work 
_refine_ls_shell.redundancy_reflns_all 
_refine_ls_shell.redundancy_reflns_obs 
_refine_ls_shell.wR_factor_all 
_refine_ls_shell.wR_factor_obs 
_refine_ls_shell.wR_factor_R_free 
_refine_ls_shell.wR_factor_R_work 
_refine_ls_shell.pdbx_R_complete 
_refine_ls_shell.pdbx_total_number_of_bins_used 
_refine_ls_shell.pdbx_phase_error 
_refine_ls_shell.pdbx_fsc_work 
_refine_ls_shell.pdbx_fsc_free 
_refine_ls_shell.R_factor_R_free 
'X-RAY DIFFRACTION' 1.8012 1.8733 . . 137 1197 98.00  . . . . 0.3013 . . . . . . . . . . . 0.3198 
'X-RAY DIFFRACTION' 1.8733 1.9586 . . 131 1191 99.00  . . . . 0.2617 . . . . . . . . . . . 0.2810 
'X-RAY DIFFRACTION' 1.9586 2.0618 . . 132 1202 99.00  . . . . 0.2340 . . . . . . . . . . . 0.2108 
'X-RAY DIFFRACTION' 2.0618 2.1909 . . 137 1214 99.00  . . . . 0.2105 . . . . . . . . . . . 0.2121 
'X-RAY DIFFRACTION' 2.1909 2.3600 . . 130 1208 99.00  . . . . 0.2080 . . . . . . . . . . . 0.2857 
'X-RAY DIFFRACTION' 2.3600 2.5974 . . 131 1191 98.00  . . . . 0.2189 . . . . . . . . . . . 0.2118 
'X-RAY DIFFRACTION' 2.5974 2.9730 . . 133 1219 100.00 . . . . 0.2033 . . . . . . . . . . . 0.2343 
'X-RAY DIFFRACTION' 2.9730 3.7446 . . 132 1221 100.00 . . . . 0.1859 . . . . . . . . . . . 0.2009 
'X-RAY DIFFRACTION' 3.7446 30.573 . . 136 1199 99.00  . . . . 0.1826 . . . . . . . . . . . 0.1902 
# 
_struct.entry_id                     8JVX 
_struct.title                        'Crystal structure of the dimeric DZBB fold protein mkaL2_v1.2_Z' 
_struct.pdbx_model_details           ? 
_struct.pdbx_formula_weight          ? 
_struct.pdbx_formula_weight_method   ? 
_struct.pdbx_model_type_details      ? 
_struct.pdbx_CASP_flag               N 
# 
_struct_keywords.entry_id        8JVX 
_struct_keywords.text            'Double zeta beta barrel, DNA BINDING PROTEIN' 
_struct_keywords.pdbx_keywords   'DNA BINDING PROTEIN' 
# 
loop_
_struct_asym.id 
_struct_asym.pdbx_blank_PDB_chainid_flag 
_struct_asym.pdbx_modified 
_struct_asym.entity_id 
_struct_asym.details 
A N N 1 ? 
B N N 1 ? 
C N N 2 ? 
D N N 2 ? 
# 
_struct_ref.id                         1 
_struct_ref.db_name                    PDB 
_struct_ref.db_code                    8JVX 
_struct_ref.pdbx_db_accession          8JVX 
_struct_ref.pdbx_db_isoform            ? 
_struct_ref.entity_id                  1 
_struct_ref.pdbx_seq_one_letter_code   ? 
_struct_ref.pdbx_align_begin           1 
# 
loop_
_struct_ref_seq.align_id 
_struct_ref_seq.ref_id 
_struct_ref_seq.pdbx_PDB_id_code 
_struct_ref_seq.pdbx_strand_id 
_struct_ref_seq.seq_align_beg 
_struct_ref_seq.pdbx_seq_align_beg_ins_code 
_struct_ref_seq.seq_align_end 
_struct_ref_seq.pdbx_seq_align_end_ins_code 
_struct_ref_seq.pdbx_db_accession 
_struct_ref_seq.db_align_beg 
_struct_ref_seq.pdbx_db_align_beg_ins_code 
_struct_ref_seq.db_align_end 
_struct_ref_seq.pdbx_db_align_end_ins_code 
_struct_ref_seq.pdbx_auth_seq_align_beg 
_struct_ref_seq.pdbx_auth_seq_align_end 
1 1 8JVX A 1 ? 42 ? 8JVX 1 ? 42 ? 1 42 
2 1 8JVX B 1 ? 42 ? 8JVX 1 ? 42 ? 1 42 
# 
_pdbx_struct_assembly.id                   1 
_pdbx_struct_assembly.details              author_and_software_defined_assembly 
_pdbx_struct_assembly.method_details       PISA 
_pdbx_struct_assembly.oligomeric_details   dimeric 
_pdbx_struct_assembly.oligomeric_count     2 
# 
loop_
_pdbx_struct_assembly_prop.biol_id 
_pdbx_struct_assembly_prop.type 
_pdbx_struct_assembly_prop.value 
_pdbx_struct_assembly_prop.details 
1 'ABSA (A^2)' 3020 ? 
1 MORE         -23  ? 
1 'SSA (A^2)'  5030 ? 
# 
_pdbx_struct_assembly_gen.assembly_id       1 
_pdbx_struct_assembly_gen.oper_expression   1 
_pdbx_struct_assembly_gen.asym_id_list      A,B,C,D 
# 
_pdbx_struct_assembly_auth_evidence.id                     1 
_pdbx_struct_assembly_auth_evidence.assembly_id            1 
_pdbx_struct_assembly_auth_evidence.experimental_support   'gel filtration' 
_pdbx_struct_assembly_auth_evidence.details                ? 
# 
_pdbx_struct_oper_list.id                   1 
_pdbx_struct_oper_list.type                 'identity operation' 
_pdbx_struct_oper_list.name                 1_555 
_pdbx_struct_oper_list.symmetry_operation   x,y,z 
_pdbx_struct_oper_list.matrix[1][1]         1.0000000000 
_pdbx_struct_oper_list.matrix[1][2]         0.0000000000 
_pdbx_struct_oper_list.matrix[1][3]         0.0000000000 
_pdbx_struct_oper_list.vector[1]            0.0000000000 
_pdbx_struct_oper_list.matrix[2][1]         0.0000000000 
_pdbx_struct_oper_list.matrix[2][2]         1.0000000000 
_pdbx_struct_oper_list.matrix[2][3]         0.0000000000 
_pdbx_struct_oper_list.vector[2]            0.0000000000 
_pdbx_struct_oper_list.matrix[3][1]         0.0000000000 
_pdbx_struct_oper_list.matrix[3][2]         0.0000000000 
_pdbx_struct_oper_list.matrix[3][3]         1.0000000000 
_pdbx_struct_oper_list.vector[3]            0.0000000000 
# 
loop_
_struct_conf.conf_type_id 
_struct_conf.id 
_struct_conf.pdbx_PDB_helix_id 
_struct_conf.beg_label_comp_id 
_struct_conf.beg_label_asym_id 
_struct_conf.beg_label_seq_id 
_struct_conf.pdbx_beg_PDB_ins_code 
_struct_conf.end_label_comp_id 
_struct_conf.end_label_asym_id 
_struct_conf.end_label_seq_id 
_struct_conf.pdbx_end_PDB_ins_code 
_struct_conf.beg_auth_comp_id 
_struct_conf.beg_auth_asym_id 
_struct_conf.beg_auth_seq_id 
_struct_conf.end_auth_comp_id 
_struct_conf.end_auth_asym_id 
_struct_conf.end_auth_seq_id 
_struct_conf.pdbx_PDB_helix_class 
_struct_conf.details 
_struct_conf.pdbx_PDB_helix_length 
HELX_P HELX_P1 AA1 ARG A 16 ? VAL A 20 ? ARG A 16 VAL A 20 5 ? 5 
HELX_P HELX_P2 AA2 ARG B 16 ? VAL B 20 ? ARG B 16 VAL B 20 5 ? 5 
# 
_struct_conf_type.id          HELX_P 
_struct_conf_type.criteria    ? 
_struct_conf_type.reference   ? 
# 
loop_
_struct_sheet.id 
_struct_sheet.type 
_struct_sheet.number_strands 
_struct_sheet.details 
AA1 ? 4 ? 
AA2 ? 4 ? 
# 
loop_
_struct_sheet_order.sheet_id 
_struct_sheet_order.range_id_1 
_struct_sheet_order.range_id_2 
_struct_sheet_order.offset 
_struct_sheet_order.sense 
AA1 1 2 ? anti-parallel 
AA1 2 3 ? anti-parallel 
AA1 3 4 ? anti-parallel 
AA2 1 2 ? anti-parallel 
AA2 2 3 ? anti-parallel 
AA2 3 4 ? anti-parallel 
# 
loop_
_struct_sheet_range.sheet_id 
_struct_sheet_range.id 
_struct_sheet_range.beg_label_comp_id 
_struct_sheet_range.beg_label_asym_id 
_struct_sheet_range.beg_label_seq_id 
_struct_sheet_range.pdbx_beg_PDB_ins_code 
_struct_sheet_range.end_label_comp_id 
_struct_sheet_range.end_label_asym_id 
_struct_sheet_range.end_label_seq_id 
_struct_sheet_range.pdbx_end_PDB_ins_code 
_struct_sheet_range.beg_auth_comp_id 
_struct_sheet_range.beg_auth_asym_id 
_struct_sheet_range.beg_auth_seq_id 
_struct_sheet_range.end_auth_comp_id 
_struct_sheet_range.end_auth_asym_id 
_struct_sheet_range.end_auth_seq_id 
AA1 1 LYS A 7  ? ARG A 11 ? LYS A 7  ARG A 11 
AA1 2 VAL A 36 ? LYS A 41 ? VAL A 36 LYS A 41 
AA1 3 VAL B 36 ? LYS B 41 ? VAL B 36 LYS B 41 
AA1 4 LYS B 7  ? ARG B 11 ? LYS B 7  ARG B 11 
AA2 1 VAL A 13 ? GLU A 14 ? VAL A 13 GLU A 14 
AA2 2 ARG B 23 ? ILE B 26 ? ARG B 23 ILE B 26 
AA2 3 ARG A 23 ? ILE A 26 ? ARG A 23 ILE A 26 
AA2 4 VAL B 13 ? GLU B 14 ? VAL B 13 GLU B 14 
# 
loop_
_pdbx_struct_sheet_hbond.sheet_id 
_pdbx_struct_sheet_hbond.range_id_1 
_pdbx_struct_sheet_hbond.range_id_2 
_pdbx_struct_sheet_hbond.range_1_label_atom_id 
_pdbx_struct_sheet_hbond.range_1_label_comp_id 
_pdbx_struct_sheet_hbond.range_1_label_asym_id 
_pdbx_struct_sheet_hbond.range_1_label_seq_id 
_pdbx_struct_sheet_hbond.range_1_PDB_ins_code 
_pdbx_struct_sheet_hbond.range_1_auth_atom_id 
_pdbx_struct_sheet_hbond.range_1_auth_comp_id 
_pdbx_struct_sheet_hbond.range_1_auth_asym_id 
_pdbx_struct_sheet_hbond.range_1_auth_seq_id 
_pdbx_struct_sheet_hbond.range_2_label_atom_id 
_pdbx_struct_sheet_hbond.range_2_label_comp_id 
_pdbx_struct_sheet_hbond.range_2_label_asym_id 
_pdbx_struct_sheet_hbond.range_2_label_seq_id 
_pdbx_struct_sheet_hbond.range_2_PDB_ins_code 
_pdbx_struct_sheet_hbond.range_2_auth_atom_id 
_pdbx_struct_sheet_hbond.range_2_auth_comp_id 
_pdbx_struct_sheet_hbond.range_2_auth_asym_id 
_pdbx_struct_sheet_hbond.range_2_auth_seq_id 
AA1 1 2 N ALA A 10 ? N ALA A 10 O VAL A 37 ? O VAL A 37 
AA1 2 3 N LYS A 40 ? N LYS A 40 O GLU B 38 ? O GLU B 38 
AA1 3 4 O VAL B 39 ? O VAL B 39 N PHE B 8  ? N PHE B 8  
AA2 1 2 N VAL A 13 ? N VAL A 13 O VAL B 24 ? O VAL B 24 
AA2 2 3 O VAL B 25 ? O VAL B 25 N VAL A 25 ? N VAL A 25 
AA2 3 4 N VAL A 24 ? N VAL A 24 O VAL B 13 ? O VAL B 13 
# 
loop_
_pdbx_validate_symm_contact.id 
_pdbx_validate_symm_contact.PDB_model_num 
_pdbx_validate_symm_contact.auth_atom_id_1 
_pdbx_validate_symm_contact.auth_asym_id_1 
_pdbx_validate_symm_contact.auth_comp_id_1 
_pdbx_validate_symm_contact.auth_seq_id_1 
_pdbx_validate_symm_contact.PDB_ins_code_1 
_pdbx_validate_symm_contact.label_alt_id_1 
_pdbx_validate_symm_contact.site_symmetry_1 
_pdbx_validate_symm_contact.auth_atom_id_2 
_pdbx_validate_symm_contact.auth_asym_id_2 
_pdbx_validate_symm_contact.auth_comp_id_2 
_pdbx_validate_symm_contact.auth_seq_id_2 
_pdbx_validate_symm_contact.PDB_ins_code_2 
_pdbx_validate_symm_contact.label_alt_id_2 
_pdbx_validate_symm_contact.site_symmetry_2 
_pdbx_validate_symm_contact.dist 
1 1 NH2 A ARG 11  ? B 1_555 CE B LYS 29  ? ? 2_454 1.84 
2 1 O   A HOH 117 ? ? 1_555 O  B HOH 118 ? ? 4_455 1.86 
# 
_pdbx_validate_torsion.id              1 
_pdbx_validate_torsion.PDB_model_num   1 
_pdbx_validate_torsion.auth_comp_id    LYS 
_pdbx_validate_torsion.auth_asym_id    B 
_pdbx_validate_torsion.auth_seq_id     6 
_pdbx_validate_torsion.PDB_ins_code    ? 
_pdbx_validate_torsion.label_alt_id    ? 
_pdbx_validate_torsion.phi             51.80 
_pdbx_validate_torsion.psi             14.64 
# 
loop_
_pdbx_unobs_or_zero_occ_residues.id 
_pdbx_unobs_or_zero_occ_residues.PDB_model_num 
_pdbx_unobs_or_zero_occ_residues.polymer_flag 
_pdbx_unobs_or_zero_occ_residues.occupancy_flag 
_pdbx_unobs_or_zero_occ_residues.auth_asym_id 
_pdbx_unobs_or_zero_occ_residues.auth_comp_id 
_pdbx_unobs_or_zero_occ_residues.auth_seq_id 
_pdbx_unobs_or_zero_occ_residues.PDB_ins_code 
_pdbx_unobs_or_zero_occ_residues.label_asym_id 
_pdbx_unobs_or_zero_occ_residues.label_comp_id 
_pdbx_unobs_or_zero_occ_residues.label_seq_id 
1 1 Y 1 A GLY 1 ? A GLY 1 
2 1 Y 1 A PRO 2 ? A PRO 2 
3 1 Y 1 A MET 3 ? A MET 3 
4 1 Y 1 A PRO 4 ? A PRO 4 
5 1 Y 1 A GLY 5 ? A GLY 5 
6 1 Y 1 B GLY 1 ? B GLY 1 
7 1 Y 1 B PRO 2 ? B PRO 2 
8 1 Y 1 B MET 3 ? B MET 3 
# 
loop_
_chem_comp_atom.comp_id 
_chem_comp_atom.atom_id 
_chem_comp_atom.type_symbol 
_chem_comp_atom.pdbx_aromatic_flag 
_chem_comp_atom.pdbx_stereo_config 
_chem_comp_atom.pdbx_ordinal 
ALA N    N N N 1   
ALA CA   C N S 2   
ALA C    C N N 3   
ALA O    O N N 4   
ALA CB   C N N 5   
ALA OXT  O N N 6   
ALA H    H N N 7   
ALA H2   H N N 8   
ALA HA   H N N 9   
ALA HB1  H N N 10  
ALA HB2  H N N 11  
ALA HB3  H N N 12  
ALA HXT  H N N 13  
ARG N    N N N 14  
ARG CA   C N S 15  
ARG C    C N N 16  
ARG O    O N N 17  
ARG CB   C N N 18  
ARG CG   C N N 19  
ARG CD   C N N 20  
ARG NE   N N N 21  
ARG CZ   C N N 22  
ARG NH1  N N N 23  
ARG NH2  N N N 24  
ARG OXT  O N N 25  
ARG H    H N N 26  
ARG H2   H N N 27  
ARG HA   H N N 28  
ARG HB2  H N N 29  
ARG HB3  H N N 30  
ARG HG2  H N N 31  
ARG HG3  H N N 32  
ARG HD2  H N N 33  
ARG HD3  H N N 34  
ARG HE   H N N 35  
ARG HH11 H N N 36  
ARG HH12 H N N 37  
ARG HH21 H N N 38  
ARG HH22 H N N 39  
ARG HXT  H N N 40  
ASP N    N N N 41  
ASP CA   C N S 42  
ASP C    C N N 43  
ASP O    O N N 44  
ASP CB   C N N 45  
ASP CG   C N N 46  
ASP OD1  O N N 47  
ASP OD2  O N N 48  
ASP OXT  O N N 49  
ASP H    H N N 50  
ASP H2   H N N 51  
ASP HA   H N N 52  
ASP HB2  H N N 53  
ASP HB3  H N N 54  
ASP HD2  H N N 55  
ASP HXT  H N N 56  
GLU N    N N N 57  
GLU CA   C N S 58  
GLU C    C N N 59  
GLU O    O N N 60  
GLU CB   C N N 61  
GLU CG   C N N 62  
GLU CD   C N N 63  
GLU OE1  O N N 64  
GLU OE2  O N N 65  
GLU OXT  O N N 66  
GLU H    H N N 67  
GLU H2   H N N 68  
GLU HA   H N N 69  
GLU HB2  H N N 70  
GLU HB3  H N N 71  
GLU HG2  H N N 72  
GLU HG3  H N N 73  
GLU HE2  H N N 74  
GLU HXT  H N N 75  
GLY N    N N N 76  
GLY CA   C N N 77  
GLY C    C N N 78  
GLY O    O N N 79  
GLY OXT  O N N 80  
GLY H    H N N 81  
GLY H2   H N N 82  
GLY HA2  H N N 83  
GLY HA3  H N N 84  
GLY HXT  H N N 85  
HOH O    O N N 86  
HOH H1   H N N 87  
HOH H2   H N N 88  
ILE N    N N N 89  
ILE CA   C N S 90  
ILE C    C N N 91  
ILE O    O N N 92  
ILE CB   C N S 93  
ILE CG1  C N N 94  
ILE CG2  C N N 95  
ILE CD1  C N N 96  
ILE OXT  O N N 97  
ILE H    H N N 98  
ILE H2   H N N 99  
ILE HA   H N N 100 
ILE HB   H N N 101 
ILE HG12 H N N 102 
ILE HG13 H N N 103 
ILE HG21 H N N 104 
ILE HG22 H N N 105 
ILE HG23 H N N 106 
ILE HD11 H N N 107 
ILE HD12 H N N 108 
ILE HD13 H N N 109 
ILE HXT  H N N 110 
LYS N    N N N 111 
LYS CA   C N S 112 
LYS C    C N N 113 
LYS O    O N N 114 
LYS CB   C N N 115 
LYS CG   C N N 116 
LYS CD   C N N 117 
LYS CE   C N N 118 
LYS NZ   N N N 119 
LYS OXT  O N N 120 
LYS H    H N N 121 
LYS H2   H N N 122 
LYS HA   H N N 123 
LYS HB2  H N N 124 
LYS HB3  H N N 125 
LYS HG2  H N N 126 
LYS HG3  H N N 127 
LYS HD2  H N N 128 
LYS HD3  H N N 129 
LYS HE2  H N N 130 
LYS HE3  H N N 131 
LYS HZ1  H N N 132 
LYS HZ2  H N N 133 
LYS HZ3  H N N 134 
LYS HXT  H N N 135 
MET N    N N N 136 
MET CA   C N S 137 
MET C    C N N 138 
MET O    O N N 139 
MET CB   C N N 140 
MET CG   C N N 141 
MET SD   S N N 142 
MET CE   C N N 143 
MET OXT  O N N 144 
MET H    H N N 145 
MET H2   H N N 146 
MET HA   H N N 147 
MET HB2  H N N 148 
MET HB3  H N N 149 
MET HG2  H N N 150 
MET HG3  H N N 151 
MET HE1  H N N 152 
MET HE2  H N N 153 
MET HE3  H N N 154 
MET HXT  H N N 155 
PHE N    N N N 156 
PHE CA   C N S 157 
PHE C    C N N 158 
PHE O    O N N 159 
PHE CB   C N N 160 
PHE CG   C Y N 161 
PHE CD1  C Y N 162 
PHE CD2  C Y N 163 
PHE CE1  C Y N 164 
PHE CE2  C Y N 165 
PHE CZ   C Y N 166 
PHE OXT  O N N 167 
PHE H    H N N 168 
PHE H2   H N N 169 
PHE HA   H N N 170 
PHE HB2  H N N 171 
PHE HB3  H N N 172 
PHE HD1  H N N 173 
PHE HD2  H N N 174 
PHE HE1  H N N 175 
PHE HE2  H N N 176 
PHE HZ   H N N 177 
PHE HXT  H N N 178 
PRO N    N N N 179 
PRO CA   C N S 180 
PRO C    C N N 181 
PRO O    O N N 182 
PRO CB   C N N 183 
PRO CG   C N N 184 
PRO CD   C N N 185 
PRO OXT  O N N 186 
PRO H    H N N 187 
PRO HA   H N N 188 
PRO HB2  H N N 189 
PRO HB3  H N N 190 
PRO HG2  H N N 191 
PRO HG3  H N N 192 
PRO HD2  H N N 193 
PRO HD3  H N N 194 
PRO HXT  H N N 195 
VAL N    N N N 196 
VAL CA   C N S 197 
VAL C    C N N 198 
VAL O    O N N 199 
VAL CB   C N N 200 
VAL CG1  C N N 201 
VAL CG2  C N N 202 
VAL OXT  O N N 203 
VAL H    H N N 204 
VAL H2   H N N 205 
VAL HA   H N N 206 
VAL HB   H N N 207 
VAL HG11 H N N 208 
VAL HG12 H N N 209 
VAL HG13 H N N 210 
VAL HG21 H N N 211 
VAL HG22 H N N 212 
VAL HG23 H N N 213 
VAL HXT  H N N 214 
# 
loop_
_chem_comp_bond.comp_id 
_chem_comp_bond.atom_id_1 
_chem_comp_bond.atom_id_2 
_chem_comp_bond.value_order 
_chem_comp_bond.pdbx_aromatic_flag 
_chem_comp_bond.pdbx_stereo_config 
_chem_comp_bond.pdbx_ordinal 
ALA N   CA   sing N N 1   
ALA N   H    sing N N 2   
ALA N   H2   sing N N 3   
ALA CA  C    sing N N 4   
ALA CA  CB   sing N N 5   
ALA CA  HA   sing N N 6   
ALA C   O    doub N N 7   
ALA C   OXT  sing N N 8   
ALA CB  HB1  sing N N 9   
ALA CB  HB2  sing N N 10  
ALA CB  HB3  sing N N 11  
ALA OXT HXT  sing N N 12  
ARG N   CA   sing N N 13  
ARG N   H    sing N N 14  
ARG N   H2   sing N N 15  
ARG CA  C    sing N N 16  
ARG CA  CB   sing N N 17  
ARG CA  HA   sing N N 18  
ARG C   O    doub N N 19  
ARG C   OXT  sing N N 20  
ARG CB  CG   sing N N 21  
ARG CB  HB2  sing N N 22  
ARG CB  HB3  sing N N 23  
ARG CG  CD   sing N N 24  
ARG CG  HG2  sing N N 25  
ARG CG  HG3  sing N N 26  
ARG CD  NE   sing N N 27  
ARG CD  HD2  sing N N 28  
ARG CD  HD3  sing N N 29  
ARG NE  CZ   sing N N 30  
ARG NE  HE   sing N N 31  
ARG CZ  NH1  sing N N 32  
ARG CZ  NH2  doub N N 33  
ARG NH1 HH11 sing N N 34  
ARG NH1 HH12 sing N N 35  
ARG NH2 HH21 sing N N 36  
ARG NH2 HH22 sing N N 37  
ARG OXT HXT  sing N N 38  
ASP N   CA   sing N N 39  
ASP N   H    sing N N 40  
ASP N   H2   sing N N 41  
ASP CA  C    sing N N 42  
ASP CA  CB   sing N N 43  
ASP CA  HA   sing N N 44  
ASP C   O    doub N N 45  
ASP C   OXT  sing N N 46  
ASP CB  CG   sing N N 47  
ASP CB  HB2  sing N N 48  
ASP CB  HB3  sing N N 49  
ASP CG  OD1  doub N N 50  
ASP CG  OD2  sing N N 51  
ASP OD2 HD2  sing N N 52  
ASP OXT HXT  sing N N 53  
GLU N   CA   sing N N 54  
GLU N   H    sing N N 55  
GLU N   H2   sing N N 56  
GLU CA  C    sing N N 57  
GLU CA  CB   sing N N 58  
GLU CA  HA   sing N N 59  
GLU C   O    doub N N 60  
GLU C   OXT  sing N N 61  
GLU CB  CG   sing N N 62  
GLU CB  HB2  sing N N 63  
GLU CB  HB3  sing N N 64  
GLU CG  CD   sing N N 65  
GLU CG  HG2  sing N N 66  
GLU CG  HG3  sing N N 67  
GLU CD  OE1  doub N N 68  
GLU CD  OE2  sing N N 69  
GLU OE2 HE2  sing N N 70  
GLU OXT HXT  sing N N 71  
GLY N   CA   sing N N 72  
GLY N   H    sing N N 73  
GLY N   H2   sing N N 74  
GLY CA  C    sing N N 75  
GLY CA  HA2  sing N N 76  
GLY CA  HA3  sing N N 77  
GLY C   O    doub N N 78  
GLY C   OXT  sing N N 79  
GLY OXT HXT  sing N N 80  
HOH O   H1   sing N N 81  
HOH O   H2   sing N N 82  
ILE N   CA   sing N N 83  
ILE N   H    sing N N 84  
ILE N   H2   sing N N 85  
ILE CA  C    sing N N 86  
ILE CA  CB   sing N N 87  
ILE CA  HA   sing N N 88  
ILE C   O    doub N N 89  
ILE C   OXT  sing N N 90  
ILE CB  CG1  sing N N 91  
ILE CB  CG2  sing N N 92  
ILE CB  HB   sing N N 93  
ILE CG1 CD1  sing N N 94  
ILE CG1 HG12 sing N N 95  
ILE CG1 HG13 sing N N 96  
ILE CG2 HG21 sing N N 97  
ILE CG2 HG22 sing N N 98  
ILE CG2 HG23 sing N N 99  
ILE CD1 HD11 sing N N 100 
ILE CD1 HD12 sing N N 101 
ILE CD1 HD13 sing N N 102 
ILE OXT HXT  sing N N 103 
LYS N   CA   sing N N 104 
LYS N   H    sing N N 105 
LYS N   H2   sing N N 106 
LYS CA  C    sing N N 107 
LYS CA  CB   sing N N 108 
LYS CA  HA   sing N N 109 
LYS C   O    doub N N 110 
LYS C   OXT  sing N N 111 
LYS CB  CG   sing N N 112 
LYS CB  HB2  sing N N 113 
LYS CB  HB3  sing N N 114 
LYS CG  CD   sing N N 115 
LYS CG  HG2  sing N N 116 
LYS CG  HG3  sing N N 117 
LYS CD  CE   sing N N 118 
LYS CD  HD2  sing N N 119 
LYS CD  HD3  sing N N 120 
LYS CE  NZ   sing N N 121 
LYS CE  HE2  sing N N 122 
LYS CE  HE3  sing N N 123 
LYS NZ  HZ1  sing N N 124 
LYS NZ  HZ2  sing N N 125 
LYS NZ  HZ3  sing N N 126 
LYS OXT HXT  sing N N 127 
MET N   CA   sing N N 128 
MET N   H    sing N N 129 
MET N   H2   sing N N 130 
MET CA  C    sing N N 131 
MET CA  CB   sing N N 132 
MET CA  HA   sing N N 133 
MET C   O    doub N N 134 
MET C   OXT  sing N N 135 
MET CB  CG   sing N N 136 
MET CB  HB2  sing N N 137 
MET CB  HB3  sing N N 138 
MET CG  SD   sing N N 139 
MET CG  HG2  sing N N 140 
MET CG  HG3  sing N N 141 
MET SD  CE   sing N N 142 
MET CE  HE1  sing N N 143 
MET CE  HE2  sing N N 144 
MET CE  HE3  sing N N 145 
MET OXT HXT  sing N N 146 
PHE N   CA   sing N N 147 
PHE N   H    sing N N 148 
PHE N   H2   sing N N 149 
PHE CA  C    sing N N 150 
PHE CA  CB   sing N N 151 
PHE CA  HA   sing N N 152 
PHE C   O    doub N N 153 
PHE C   OXT  sing N N 154 
PHE CB  CG   sing N N 155 
PHE CB  HB2  sing N N 156 
PHE CB  HB3  sing N N 157 
PHE CG  CD1  doub Y N 158 
PHE CG  CD2  sing Y N 159 
PHE CD1 CE1  sing Y N 160 
PHE CD1 HD1  sing N N 161 
PHE CD2 CE2  doub Y N 162 
PHE CD2 HD2  sing N N 163 
PHE CE1 CZ   doub Y N 164 
PHE CE1 HE1  sing N N 165 
PHE CE2 CZ   sing Y N 166 
PHE CE2 HE2  sing N N 167 
PHE CZ  HZ   sing N N 168 
PHE OXT HXT  sing N N 169 
PRO N   CA   sing N N 170 
PRO N   CD   sing N N 171 
PRO N   H    sing N N 172 
PRO CA  C    sing N N 173 
PRO CA  CB   sing N N 174 
PRO CA  HA   sing N N 175 
PRO C   O    doub N N 176 
PRO C   OXT  sing N N 177 
PRO CB  CG   sing N N 178 
PRO CB  HB2  sing N N 179 
PRO CB  HB3  sing N N 180 
PRO CG  CD   sing N N 181 
PRO CG  HG2  sing N N 182 
PRO CG  HG3  sing N N 183 
PRO CD  HD2  sing N N 184 
PRO CD  HD3  sing N N 185 
PRO OXT HXT  sing N N 186 
VAL N   CA   sing N N 187 
VAL N   H    sing N N 188 
VAL N   H2   sing N N 189 
VAL CA  C    sing N N 190 
VAL CA  CB   sing N N 191 
VAL CA  HA   sing N N 192 
VAL C   O    doub N N 193 
VAL C   OXT  sing N N 194 
VAL CB  CG1  sing N N 195 
VAL CB  CG2  sing N N 196 
VAL CB  HB   sing N N 197 
VAL CG1 HG11 sing N N 198 
VAL CG1 HG12 sing N N 199 
VAL CG1 HG13 sing N N 200 
VAL CG2 HG21 sing N N 201 
VAL CG2 HG22 sing N N 202 
VAL CG2 HG23 sing N N 203 
VAL OXT HXT  sing N N 204 
# 
loop_
_pdbx_audit_support.funding_organization 
_pdbx_audit_support.country 
_pdbx_audit_support.grant_number 
_pdbx_audit_support.ordinal 
'Japan Society for the Promotion of Science (JSPS)' Japan 18H01328 1 
'Japan Society for the Promotion of Science (JSPS)' Japan 20K15854 2 
'Japan Society for the Promotion of Science (JSPS)' Japan 22H01346 3 
# 
_pdbx_initial_refinement_model.id               1 
_pdbx_initial_refinement_model.entity_id_list   ? 
_pdbx_initial_refinement_model.type             'experimental model' 
_pdbx_initial_refinement_model.source_name      PDB 
_pdbx_initial_refinement_model.accession_code   8JVW 
_pdbx_initial_refinement_model.details          ? 
# 
_atom_sites.entry_id                    8JVX 
_atom_sites.Cartn_transf_matrix[1][1]   ? 
_atom_sites.Cartn_transf_matrix[1][2]   ? 
_atom_sites.Cartn_transf_matrix[1][3]   ? 
_atom_sites.Cartn_transf_matrix[2][1]   ? 
_atom_sites.Cartn_transf_matrix[2][2]   ? 
_atom_sites.Cartn_transf_matrix[2][3]   ? 
_atom_sites.Cartn_transf_matrix[3][1]   ? 
_atom_sites.Cartn_transf_matrix[3][2]   ? 
_atom_sites.Cartn_transf_matrix[3][3]   ? 
_atom_sites.Cartn_transf_vector[1]      ? 
_atom_sites.Cartn_transf_vector[2]      ? 
_atom_sites.Cartn_transf_vector[3]      ? 
_atom_sites.fract_transf_matrix[1][1]   -0.02207955 
_atom_sites.fract_transf_matrix[1][2]   -0.01167024 
_atom_sites.fract_transf_matrix[1][3]   0.01477448 
_atom_sites.fract_transf_matrix[2][1]   -0.01564337 
_atom_sites.fract_transf_matrix[2][2]   0.00269834 
_atom_sites.fract_transf_matrix[2][3]   -0.02124666 
_atom_sites.fract_transf_matrix[3][1]   0.00517602 
_atom_sites.fract_transf_matrix[3][2]   -0.01741798 
_atom_sites.fract_transf_matrix[3][3]   -0.00602307 
_atom_sites.fract_transf_vector[1]      0.014440 
_atom_sites.fract_transf_vector[2]      0.019180 
_atom_sites.fract_transf_vector[3]      0.004242 
_atom_sites.solution_primary            ? 
_atom_sites.solution_secondary          ? 
_atom_sites.solution_hydrogens          ? 
_atom_sites.special_details             ? 
# 
loop_
_atom_type.symbol 
C 
N 
O 
# 
loop_
_atom_site.group_PDB 
_atom_site.id 
_atom_site.type_symbol 
_atom_site.label_atom_id 
_atom_site.label_alt_id 
_atom_site.label_comp_id 
_atom_site.label_asym_id 
_atom_site.label_entity_id 
_atom_site.label_seq_id 
_atom_site.pdbx_PDB_ins_code 
_atom_site.Cartn_x 
_atom_site.Cartn_y 
_atom_site.Cartn_z 
_atom_site.occupancy 
_atom_site.B_iso_or_equiv 
_atom_site.pdbx_formal_charge 
_atom_site.auth_seq_id 
_atom_site.auth_comp_id 
_atom_site.auth_asym_id 
_atom_site.auth_atom_id 
_atom_site.pdbx_PDB_model_num 
ATOM   1   N N   . LYS A 1 6  ? 10.043  -9.700  1.179   1.00 68.14 ?  6   LYS A N   1 
ATOM   2   C CA  . LYS A 1 6  ? 10.196  -9.384  2.617   1.00 59.93 ?  6   LYS A CA  1 
ATOM   3   C C   . LYS A 1 6  ? 9.833   -7.943  2.964   1.00 55.68 ?  6   LYS A C   1 
ATOM   4   O O   . LYS A 1 6  ? 8.717   -7.737  3.396   1.00 44.40 ?  6   LYS A O   1 
ATOM   5   C CB  . LYS A 1 6  ? 11.657  -9.573  3.045   1.00 56.70 ?  6   LYS A CB  1 
ATOM   6   C CG  . LYS A 1 6  ? 11.936  -9.612  4.539   1.00 45.88 ?  6   LYS A CG  1 
ATOM   7   C CD  . LYS A 1 6  ? 13.381  -10.005 4.871   1.00 60.56 ?  6   LYS A CD  1 
ATOM   8   C CE  . LYS A 1 6  ? 13.574  -11.394 5.469   1.00 64.64 ?  6   LYS A CE  1 
ATOM   9   N NZ  . LYS A 1 6  ? 14.752  -11.535 6.360   1.00 32.10 ?  6   LYS A NZ  1 
ATOM   10  N N   . LYS A 1 7  ? 10.786  -7.024  2.810   1.00 41.77 ?  7   LYS A N   1 
ATOM   11  C CA  . LYS A 1 7  ? 10.647  -5.643  3.327   1.00 40.30 ?  7   LYS A CA  1 
ATOM   12  C C   . LYS A 1 7  ? 11.073  -4.642  2.262   1.00 40.99 ?  7   LYS A C   1 
ATOM   13  O O   . LYS A 1 7  ? 12.017  -4.913  1.580   1.00 41.99 ?  7   LYS A O   1 
ATOM   14  C CB  . LYS A 1 7  ? 11.567  -5.563  4.547   1.00 37.50 ?  7   LYS A CB  1 
ATOM   15  C CG  . LYS A 1 7  ? 11.891  -4.221  5.167   1.00 36.43 ?  7   LYS A CG  1 
ATOM   16  C CD  . LYS A 1 7  ? 12.620  -4.415  6.486   1.00 41.90 ?  7   LYS A CD  1 
ATOM   17  C CE  . LYS A 1 7  ? 13.485  -3.243  6.925   1.00 60.76 ?  7   LYS A CE  1 
ATOM   18  N NZ  . LYS A 1 7  ? 14.013  -3.316  8.316   1.00 41.58 ?  7   LYS A NZ  1 
ATOM   19  N N   . PHE A 1 8  ? 10.377  -3.526  2.159   1.00 28.81 ?  8   PHE A N   1 
ATOM   20  C CA  . PHE A 1 8  ? 10.766  -2.524  1.150   1.00 30.20 ?  8   PHE A CA  1 
ATOM   21  C C   . PHE A 1 8  ? 10.332  -1.139  1.604   1.00 29.08 ?  8   PHE A C   1 
ATOM   22  O O   . PHE A 1 8  ? 9.556   -1.038  2.513   1.00 24.73 ?  8   PHE A O   1 
ATOM   23  C CB  . PHE A 1 8  ? 10.177  -2.832  -0.225  1.00 28.73 ?  8   PHE A CB  1 
ATOM   24  C CG  . PHE A 1 8  ? 8.678   -2.746  -0.328  1.00 30.30 ?  8   PHE A CG  1 
ATOM   25  C CD1 . PHE A 1 8  ? 7.871   -3.778  0.118   1.00 34.11 ?  8   PHE A CD1 1 
ATOM   26  C CD2 . PHE A 1 8  ? 8.067   -1.653  -0.893  1.00 27.97 ?  8   PHE A CD2 1 
ATOM   27  C CE1 . PHE A 1 8  ? 6.495   -3.693  0.036   1.00 29.02 ?  8   PHE A CE1 1 
ATOM   28  C CE2 . PHE A 1 8  ? 6.693   -1.579  -0.989  1.00 36.15 ?  8   PHE A CE2 1 
ATOM   29  C CZ  . PHE A 1 8  ? 5.913   -2.590  -0.509  1.00 28.33 ?  8   PHE A CZ  1 
ATOM   30  N N   . VAL A 1 9  ? 10.922  -0.140  0.967   1.00 22.81 ?  9   VAL A N   1 
ATOM   31  C CA  . VAL A 1 9  ? 10.581  1.259   1.170   1.00 25.52 ?  9   VAL A CA  1 
ATOM   32  C C   . VAL A 1 9  ? 9.820   1.737   -0.055  1.00 27.16 ?  9   VAL A C   1 
ATOM   33  O O   . VAL A 1 9  ? 10.170  1.382   -1.183  1.00 22.79 ?  9   VAL A O   1 
ATOM   34  C CB  . VAL A 1 9  ? 11.853  2.102   1.385   1.00 23.16 ?  9   VAL A CB  1 
ATOM   35  C CG1 . VAL A 1 9  ? 11.498  3.556   1.607   1.00 27.14 ?  9   VAL A CG1 1 
ATOM   36  C CG2 . VAL A 1 9  ? 12.661  1.545   2.556   1.00 32.31 ?  9   VAL A CG2 1 
ATOM   37  N N   . ALA A 1 10 ? 8.778   2.531   0.162   1.00 23.73 ?  10  ALA A N   1 
ATOM   38  C CA  . ALA A 1 10 ? 8.018   3.076   -0.954  1.00 23.75 ?  10  ALA A CA  1 
ATOM   39  C C   . ALA A 1 10 ? 7.386   4.387   -0.521  1.00 22.97 ?  10  ALA A C   1 
ATOM   40  O O   . ALA A 1 10 ? 7.339   4.717   0.667   1.00 24.91 ?  10  ALA A O   1 
ATOM   41  C CB  . ALA A 1 10 ? 6.942   2.100   -1.439  1.00 30.19 ?  10  ALA A CB  1 
ATOM   42  N N   A ARG A 1 11 ? 6.893   5.127   -1.502  0.57 25.59 ?  11  ARG A N   1 
ATOM   43  N N   B ARG A 1 11 ? 6.886   5.126   -1.509  0.43 25.65 ?  11  ARG A N   1 
ATOM   44  C CA  A ARG A 1 11 ? 6.169   6.362   -1.266  0.57 26.21 ?  11  ARG A CA  1 
ATOM   45  C CA  B ARG A 1 11 ? 6.181   6.404   -1.261  0.43 26.50 ?  11  ARG A CA  1 
ATOM   46  C C   A ARG A 1 11 ? 4.702   6.143   -1.591  0.57 27.28 ?  11  ARG A C   1 
ATOM   47  C C   B ARG A 1 11 ? 4.708   6.209   -1.614  0.43 27.42 ?  11  ARG A C   1 
ATOM   48  O O   A ARG A 1 11 ? 4.369   5.456   -2.563  0.57 26.77 ?  11  ARG A O   1 
ATOM   49  O O   B ARG A 1 11 ? 4.429   5.380   -2.469  0.43 26.79 ?  11  ARG A O   1 
ATOM   50  C CB  A ARG A 1 11 ? 6.739   7.520   -2.109  0.57 29.45 ?  11  ARG A CB  1 
ATOM   51  C CB  B ARG A 1 11 ? 6.755   7.556   -2.091  0.43 29.62 ?  11  ARG A CB  1 
ATOM   52  C CG  A ARG A 1 11 ? 7.733   8.387   -1.368  0.57 36.62 ?  11  ARG A CG  1 
ATOM   53  C CG  B ARG A 1 11 ? 8.150   7.998   -1.683  0.43 33.70 ?  11  ARG A CG  1 
ATOM   54  C CD  A ARG A 1 11 ? 8.648   9.192   -2.300  0.57 41.87 ?  11  ARG A CD  1 
ATOM   55  C CD  B ARG A 1 11 ? 8.678   9.184   -2.467  0.43 41.68 ?  11  ARG A CD  1 
ATOM   56  N NE  A ARG A 1 11 ? 9.479   10.129  -1.543  0.57 44.76 ?  11  ARG A NE  1 
ATOM   57  N NE  B ARG A 1 11 ? 9.355   10.106  -1.579  0.43 44.55 ?  11  ARG A NE  1 
ATOM   58  C CZ  A ARG A 1 11 ? 10.746  9.901   -1.197  0.57 44.85 ?  11  ARG A CZ  1 
ATOM   59  C CZ  B ARG A 1 11 ? 8.787   11.195  -1.086  0.43 41.30 ?  11  ARG A CZ  1 
ATOM   60  N NH1 A ARG A 1 11 ? 11.337  8.766   -1.545  0.57 46.14 ?  11  ARG A NH1 1 
ATOM   61  N NH1 B ARG A 1 11 ? 7.555   11.510  -1.429  0.43 40.29 ?  11  ARG A NH1 1 
ATOM   62  N NH2 A ARG A 1 11 ? 11.426  10.801  -0.492  0.57 42.80 ?  11  ARG A NH2 1 
ATOM   63  N NH2 B ARG A 1 11 ? 9.460   11.981  -0.270  0.43 50.46 ?  11  ARG A NH2 1 
ATOM   64  N N   . VAL A 1 12 ? 3.833   6.716   -0.760  1.00 23.45 ?  12  VAL A N   1 
ATOM   65  C CA  . VAL A 1 12 ? 2.406   6.594   -0.995  1.00 23.60 ?  12  VAL A CA  1 
ATOM   66  C C   . VAL A 1 12 ? 2.045   7.352   -2.264  1.00 25.47 ?  12  VAL A C   1 
ATOM   67  O O   . VAL A 1 12 ? 2.500   8.480   -2.499  1.00 23.51 ?  12  VAL A O   1 
ATOM   68  C CB  . VAL A 1 12 ? 1.621   7.098   0.224   1.00 23.62 ?  12  VAL A CB  1 
ATOM   69  C CG1 . VAL A 1 12 ? 0.135   7.089   -0.062  1.00 20.26 ?  12  VAL A CG1 1 
ATOM   70  C CG2 . VAL A 1 12 ? 1.939   6.224   1.453   1.00 25.46 ?  12  VAL A CG2 1 
ATOM   71  N N   . VAL A 1 13 ? 1.245   6.706   -3.112  1.00 22.33 ?  13  VAL A N   1 
ATOM   72  C CA  . VAL A 1 13 ? 0.861   7.254   -4.401  1.00 18.77 ?  13  VAL A CA  1 
ATOM   73  C C   . VAL A 1 13 ? -0.657  7.302   -4.473  1.00 28.45 ?  13  VAL A C   1 
ATOM   74  O O   . VAL A 1 13 ? -1.366  6.645   -3.707  1.00 24.17 ?  13  VAL A O   1 
ATOM   75  C CB  . VAL A 1 13 ? 1.413   6.421   -5.582  1.00 24.18 ?  13  VAL A CB  1 
ATOM   76  C CG1 . VAL A 1 13 ? 2.953   6.446   -5.619  1.00 24.39 ?  13  VAL A CG1 1 
ATOM   77  C CG2 . VAL A 1 13 ? 0.909   4.998   -5.489  1.00 23.73 ?  13  VAL A CG2 1 
ATOM   78  N N   . GLU A 1 14 ? -1.144  8.086   -5.427  1.00 28.20 ?  14  GLU A N   1 
ATOM   79  C CA  . GLU A 1 14 ? -2.553  8.094   -5.793  1.00 29.94 ?  14  GLU A CA  1 
ATOM   80  C C   . GLU A 1 14 ? -2.764  7.040   -6.871  1.00 27.37 ?  14  GLU A C   1 
ATOM   81  O O   . GLU A 1 14 ? -2.113  7.088   -7.917  1.00 24.64 ?  14  GLU A O   1 
ATOM   82  C CB  . GLU A 1 14 ? -2.940  9.476   -6.301  1.00 35.32 ?  14  GLU A CB  1 
ATOM   83  C CG  . GLU A 1 14 ? -4.366  9.627   -6.697  1.00 41.95 ?  14  GLU A CG  1 
ATOM   84  C CD  . GLU A 1 14 ? -4.666  11.033  -7.179  1.00 50.79 ?  14  GLU A CD  1 
ATOM   85  O OE1 . GLU A 1 14 ? -4.917  11.204  -8.396  1.00 36.35 ?  14  GLU A OE1 1 
ATOM   86  O OE2 . GLU A 1 14 ? -4.640  11.958  -6.339  1.00 51.32 -1 14  GLU A OE2 1 
ATOM   87  N N   . ALA A 1 15 ? -3.659  6.088   -6.611  1.00 22.96 ?  15  ALA A N   1 
ATOM   88  C CA  . ALA A 1 15 ? -3.924  5.018   -7.560  1.00 24.76 ?  15  ALA A CA  1 
ATOM   89  C C   . ALA A 1 15 ? -4.438  5.592   -8.870  1.00 23.09 ?  15  ALA A C   1 
ATOM   90  O O   . ALA A 1 15 ? -5.195  6.558   -8.881  1.00 20.08 ?  15  ALA A O   1 
ATOM   91  C CB  . ALA A 1 15 ? -4.964  4.052   -6.984  1.00 22.59 ?  15  ALA A CB  1 
ATOM   92  N N   . ARG A 1 16 ? -4.078  4.946   -9.961  1.00 21.61 ?  16  ARG A N   1 
ATOM   93  C CA  . ARG A 1 16 ? -4.506  5.424   -11.283 1.00 26.45 ?  16  ARG A CA  1 
ATOM   94  C C   . ARG A 1 16 ? -5.210  4.306   -12.037 1.00 23.23 ?  16  ARG A C   1 
ATOM   95  O O   . ARG A 1 16 ? -5.203  3.201   -11.590 1.00 23.34 ?  16  ARG A O   1 
ATOM   96  C CB  . ARG A 1 16 ? -3.310  5.894   -12.100 1.00 26.21 ?  16  ARG A CB  1 
ATOM   97  C CG  . ARG A 1 16 ? -2.183  4.888   -12.106 1.00 31.81 ?  16  ARG A CG  1 
ATOM   98  C CD  . ARG A 1 16 ? -1.020  5.157   -13.013 1.00 26.34 ?  16  ARG A CD  1 
ATOM   99  N NE  . ARG A 1 16 ? 0.129   5.900   -12.615 1.00 43.90 ?  16  ARG A NE  1 
ATOM   100 C CZ  . ARG A 1 16 ? 1.397   5.528   -12.810 1.00 32.04 ?  16  ARG A CZ  1 
ATOM   101 N NH1 . ARG A 1 16 ? 2.336   6.336   -12.440 1.00 31.09 ?  16  ARG A NH1 1 
ATOM   102 N NH2 . ARG A 1 16 ? 1.723   4.332   -13.244 1.00 30.08 ?  16  ARG A NH2 1 
ATOM   103 N N   . ALA A 1 17 ? -5.759  4.648   -13.186 1.00 19.69 ?  17  ALA A N   1 
ATOM   104 C CA  . ALA A 1 17 ? -6.505  3.652   -13.951 1.00 20.88 ?  17  ALA A CA  1 
ATOM   105 C C   . ALA A 1 17 ? -5.636  2.452   -14.302 1.00 21.72 ?  17  ALA A C   1 
ATOM   106 O O   . ALA A 1 17 ? -6.115  1.305   -14.282 1.00 22.50 ?  17  ALA A O   1 
ATOM   107 C CB  . ALA A 1 17 ? -7.083  4.292   -15.219 1.00 27.29 ?  17  ALA A CB  1 
ATOM   108 N N   . GLU A 1 18 ? -4.351  2.685   -14.607 1.00 21.58 ?  18  GLU A N   1 
ATOM   109 C CA  . GLU A 1 18 ? -3.418  1.609   -14.927 1.00 24.17 ?  18  GLU A CA  1 
ATOM   110 C C   . GLU A 1 18 ? -3.097  0.710   -13.728 1.00 26.33 ?  18  GLU A C   1 
ATOM   111 O O   . GLU A 1 18 ? -2.470  -0.341  -13.919 1.00 27.29 ?  18  GLU A O   1 
ATOM   112 C CB  . GLU A 1 18 ? -2.117  2.200   -15.505 1.00 23.25 ?  18  GLU A CB  1 
ATOM   113 C CG  . GLU A 1 18 ? -2.234  2.885   -16.892 1.00 24.56 ?  18  GLU A CG  1 
ATOM   114 C CD  . GLU A 1 18 ? -2.665  4.346   -16.805 1.00 27.88 ?  18  GLU A CD  1 
ATOM   115 O OE1 . GLU A 1 18 ? -2.723  5.020   -17.856 1.00 23.66 ?  18  GLU A OE1 1 
ATOM   116 O OE2 . GLU A 1 18 ? -2.935  4.829   -15.678 1.00 26.21 -1 18  GLU A OE2 1 
ATOM   117 N N   . ASP A 1 19 ? -3.479  1.079   -12.508 1.00 22.40 ?  19  ASP A N   1 
ATOM   118 C CA  . ASP A 1 19 ? -3.234  0.189   -11.375 1.00 25.78 ?  19  ASP A CA  1 
ATOM   119 C C   . ASP A 1 19 ? -4.324  -0.850  -11.182 1.00 24.50 ?  19  ASP A C   1 
ATOM   120 O O   . ASP A 1 19 ? -4.137  -1.776  -10.380 1.00 23.29 ?  19  ASP A O   1 
ATOM   121 C CB  . ASP A 1 19 ? -3.086  0.979   -10.080 1.00 27.96 ?  19  ASP A CB  1 
ATOM   122 C CG  . ASP A 1 19 ? -1.899  1.910   -10.112 1.00 26.39 ?  19  ASP A CG  1 
ATOM   123 O OD1 . ASP A 1 19 ? -0.862  1.517   -10.684 1.00 27.33 ?  19  ASP A OD1 1 
ATOM   124 O OD2 . ASP A 1 19 ? -2.006  3.026   -9.574  1.00 28.99 -1 19  ASP A OD2 1 
ATOM   125 N N   . VAL A 1 20 ? -5.458  -0.714  -11.869 1.00 20.76 ?  20  VAL A N   1 
ATOM   126 C CA  . VAL A 1 20 ? -6.546  -1.663  -11.673 1.00 22.50 ?  20  VAL A CA  1 
ATOM   127 C C   . VAL A 1 20 ? -6.038  -3.064  -11.966 1.00 23.93 ?  20  VAL A C   1 
ATOM   128 O O   . VAL A 1 20 ? -5.457  -3.325  -13.023 1.00 26.24 ?  20  VAL A O   1 
ATOM   129 C CB  . VAL A 1 20 ? -7.748  -1.288  -12.552 1.00 28.49 ?  20  VAL A CB  1 
ATOM   130 C CG1 . VAL A 1 20 ? -8.797  -2.370  -12.482 1.00 27.21 ?  20  VAL A CG1 1 
ATOM   131 C CG2 . VAL A 1 20 ? -8.324  0.037   -12.093 1.00 27.04 ?  20  VAL A CG2 1 
ATOM   132 N N   . GLY A 1 21 ? -6.214  -3.963  -11.008 1.00 27.70 ?  21  GLY A N   1 
ATOM   133 C CA  . GLY A 1 21 ? -5.719  -5.314  -11.133 1.00 29.90 ?  21  GLY A CA  1 
ATOM   134 C C   . GLY A 1 21 ? -4.356  -5.547  -10.515 1.00 30.19 ?  21  GLY A C   1 
ATOM   135 O O   . GLY A 1 21 ? -3.949  -6.710  -10.399 1.00 33.35 ?  21  GLY A O   1 
ATOM   136 N N   . LYS A 1 22 ? -3.651  -4.492  -10.098 1.00 23.81 ?  22  LYS A N   1 
ATOM   137 C CA  . LYS A 1 22 ? -2.311  -4.623  -9.536  1.00 24.14 ?  22  LYS A CA  1 
ATOM   138 C C   . LYS A 1 22 ? -2.376  -4.833  -8.033  1.00 22.03 ?  22  LYS A C   1 
ATOM   139 O O   . LYS A 1 22 ? -3.350  -4.456  -7.376  1.00 22.40 ?  22  LYS A O   1 
ATOM   140 C CB  . LYS A 1 22 ? -1.458  -3.379  -9.822  1.00 25.49 ?  22  LYS A CB  1 
ATOM   141 C CG  . LYS A 1 22 ? -1.101  -3.153  -11.282 1.00 37.24 ?  22  LYS A CG  1 
ATOM   142 C CD  . LYS A 1 22 ? -1.009  -4.464  -12.061 1.00 46.48 ?  22  LYS A CD  1 
ATOM   143 C CE  . LYS A 1 22 ? -0.270  -4.275  -13.388 1.00 57.03 ?  22  LYS A CE  1 
ATOM   144 N NZ  . LYS A 1 22 ? 1.208   -4.352  -13.201 1.00 58.97 ?  22  LYS A NZ  1 
ATOM   145 N N   . ARG A 1 23 ? -1.316  -5.420  -7.492  1.00 21.64 ?  23  ARG A N   1 
ATOM   146 C CA  . ARG A 1 23 ? -1.201  -5.614  -6.052  1.00 25.03 ?  23  ARG A CA  1 
ATOM   147 C C   . ARG A 1 23 ? -0.919  -4.285  -5.361  1.00 24.14 ?  23  ARG A C   1 
ATOM   148 O O   . ARG A 1 23 ? 0.048   -3.599  -5.700  1.00 25.96 ?  23  ARG A O   1 
ATOM   149 C CB  . ARG A 1 23 ? -0.102  -6.630  -5.745  1.00 32.86 ?  23  ARG A CB  1 
ATOM   150 C CG  . ARG A 1 23 ? -0.436  -8.047  -6.202  1.00 35.29 ?  23  ARG A CG  1 
ATOM   151 C CD  . ARG A 1 23 ? 0.802   -8.935  -6.290  1.00 44.06 ?  23  ARG A CD  1 
ATOM   152 N NE  . ARG A 1 23 ? 2.008   -8.161  -6.566  1.00 46.39 ?  23  ARG A NE  1 
ATOM   153 C CZ  . ARG A 1 23 ? 2.537   -7.993  -7.776  1.00 56.45 ?  23  ARG A CZ  1 
ATOM   154 N NH1 . ARG A 1 23 ? 3.632   -7.255  -7.922  1.00 48.23 ?  23  ARG A NH1 1 
ATOM   155 N NH2 . ARG A 1 23 ? 1.970   -8.548  -8.843  1.00 60.49 ?  23  ARG A NH2 1 
ATOM   156 N N   . VAL A 1 24 ? -1.776  -3.918  -4.405  1.00 21.02 ?  24  VAL A N   1 
ATOM   157 C CA  . VAL A 1 24 ? -1.645  -2.699  -3.613  1.00 23.79 ?  24  VAL A CA  1 
ATOM   158 C C   . VAL A 1 24 ? -2.023  -2.980  -2.165  1.00 25.62 ?  24  VAL A C   1 
ATOM   159 O O   . VAL A 1 24 ? -2.619  -4.011  -1.833  1.00 20.88 ?  24  VAL A O   1 
ATOM   160 C CB  . VAL A 1 24 ? -2.523  -1.548  -4.128  1.00 19.17 ?  24  VAL A CB  1 
ATOM   161 C CG1 . VAL A 1 24 ? -2.266  -1.272  -5.608  1.00 19.14 ?  24  VAL A CG1 1 
ATOM   162 C CG2 . VAL A 1 24 ? -4.004  -1.880  -3.884  1.00 22.30 ?  24  VAL A CG2 1 
ATOM   163 N N   . VAL A 1 25 ? -1.769  -2.054  -1.257  1.00 18.86 ?  25  VAL A N   1 
ATOM   164 C CA  A VAL A 1 25 ? -2.351  -1.918  0.074   0.60 19.19 ?  25  VAL A CA  1 
ATOM   165 C CA  B VAL A 1 25 ? -2.427  -1.959  0.125   0.40 19.19 ?  25  VAL A CA  1 
ATOM   166 C C   . VAL A 1 25 ? -3.064  -0.570  0.133   1.00 22.19 ?  25  VAL A C   1 
ATOM   167 O O   . VAL A 1 25 ? -2.552  0.435   -0.371  1.00 20.71 ?  25  VAL A O   1 
ATOM   168 C CB  A VAL A 1 25 ? -1.279  -2.052  1.176   0.60 22.53 ?  25  VAL A CB  1 
ATOM   169 C CB  B VAL A 1 25 ? -1.355  -2.092  1.227   0.40 22.53 ?  25  VAL A CB  1 
ATOM   170 C CG1 A VAL A 1 25 ? -0.650  -3.443  1.184   0.60 24.78 ?  25  VAL A CG1 1 
ATOM   171 C CG1 B VAL A 1 25 ? -0.343  -0.951  1.170   0.40 24.78 ?  25  VAL A CG1 1 
ATOM   172 C CG2 A VAL A 1 25 ? -0.185  -1.005  0.956   0.60 18.85 ?  25  VAL A CG2 1 
ATOM   173 C CG2 B VAL A 1 25 ? -2.030  -2.100  2.601   0.40 18.85 ?  25  VAL A CG2 1 
ATOM   174 N N   . ILE A 1 26 ? -4.196  -0.526  0.641   1.00 20.12 ?  26  ILE A N   1 
ATOM   175 C CA  . ILE A 1 26 ? -4.958  0.702   0.840   1.00 19.58 ?  26  ILE A CA  1 
ATOM   176 C C   . ILE A 1 26 ? -4.405  1.439   2.049   1.00 22.27 ?  26  ILE A C   1 
ATOM   177 O O   . ILE A 1 26 ? -4.205  0.840   3.107   1.00 19.97 ?  26  ILE A O   1 
ATOM   178 C CB  . ILE A 1 26 ? -6.440  0.359   1.051   1.00 19.96 ?  26  ILE A CB  1 
ATOM   179 C CG1 . ILE A 1 26 ? -6.974  -0.495  -0.107  1.00 24.23 ?  26  ILE A CG1 1 
ATOM   180 C CG2 . ILE A 1 26 ? -7.278  1.622   1.277   1.00 22.21 ?  26  ILE A CG2 1 
ATOM   181 C CD1 . ILE A 1 26 ? -6.792  0.121   -1.525  1.00 23.14 ?  26  ILE A CD1 1 
ATOM   182 N N   . ILE A 1 27 ? -4.219  2.734   1.900   1.00 24.77 ?  27  ILE A N   1 
ATOM   183 C CA  . ILE A 1 27 ? -3.606  3.540   2.981   1.00 30.40 ?  27  ILE A CA  1 
ATOM   184 C C   . ILE A 1 27 ? -4.686  4.192   3.825   1.00 30.64 ?  27  ILE A C   1 
ATOM   185 O O   . ILE A 1 27 ? -5.487  4.868   3.300   1.00 30.50 ?  27  ILE A O   1 
ATOM   186 C CB  . ILE A 1 27 ? -2.606  4.557   2.412   1.00 23.09 ?  27  ILE A CB  1 
ATOM   187 C CG1 . ILE A 1 27 ? -1.508  3.855   1.619   1.00 22.55 ?  27  ILE A CG1 1 
ATOM   188 C CG2 . ILE A 1 27 ? -2.028  5.391   3.519   1.00 30.66 ?  27  ILE A CG2 1 
ATOM   189 C CD1 . ILE A 1 27 ? -0.730  2.859   2.387   1.00 24.03 ?  27  ILE A CD1 1 
ATOM   190 N N   . PRO A 1 28 ? -4.662  4.019   5.154   1.00 33.36 ?  28  PRO A N   1 
ATOM   191 C CA  . PRO A 1 28 ? -5.652  4.621   6.016   1.00 35.16 ?  28  PRO A CA  1 
ATOM   192 C C   . PRO A 1 28 ? -5.445  6.128   6.172   1.00 38.91 ?  28  PRO A C   1 
ATOM   193 O O   . PRO A 1 28 ? -4.519  6.656   5.685   1.00 32.91 ?  28  PRO A O   1 
ATOM   194 C CB  . PRO A 1 28 ? -5.518  3.910   7.357   1.00 38.72 ?  28  PRO A CB  1 
ATOM   195 C CG  . PRO A 1 28 ? -4.229  3.160   7.299   1.00 39.95 ?  28  PRO A CG  1 
ATOM   196 C CD  . PRO A 1 28 ? -3.732  3.201   5.873   1.00 27.33 ?  28  PRO A CD  1 
ATOM   197 N N   . LYS A 1 29 ? -6.350  6.766   6.907   1.00 34.48 ?  29  LYS A N   1 
ATOM   198 C CA  . LYS A 1 29 ? -6.309  8.222   7.132   1.00 35.26 ?  29  LYS A CA  1 
ATOM   199 C C   . LYS A 1 29 ? -5.088  8.568   7.974   1.00 39.87 ?  29  LYS A C   1 
ATOM   200 O O   . LYS A 1 29 ? -4.714  7.773   8.815   1.00 42.27 ?  29  LYS A O   1 
ATOM   201 C CB  . LYS A 1 29 ? -7.552  8.667   7.904   1.00 40.58 ?  29  LYS A CB  1 
ATOM   202 C CG  . LYS A 1 29 ? -8.875  8.407   7.214   1.00 45.89 ?  29  LYS A CG  1 
ATOM   203 C CD  . LYS A 1 29 ? -9.063  9.160   5.933   1.00 48.24 ?  29  LYS A CD  1 
ATOM   204 C CE  . LYS A 1 29 ? -10.419 8.948   5.287   1.00 47.41 ?  29  LYS A CE  1 
ATOM   205 N NZ  . LYS A 1 29 ? -10.515 9.698   4.027   1.00 48.76 ?  29  LYS A NZ  1 
ATOM   206 N N   . GLY A 1 30 ? -4.506  9.737   7.749   1.00 35.54 ?  30  GLY A N   1 
ATOM   207 C CA  . GLY A 1 30 ? -3.351  10.105  8.578   1.00 40.12 ?  30  GLY A CA  1 
ATOM   208 C C   . GLY A 1 30 ? -2.045  9.975   7.835   1.00 43.04 ?  30  GLY A C   1 
ATOM   209 O O   . GLY A 1 30 ? -1.096  10.540  8.273   1.00 41.46 ?  30  GLY A O   1 
ATOM   210 N N   . ILE A 1 31 ? -2.022  9.183   6.785   1.00 35.42 ?  31  ILE A N   1 
ATOM   211 C CA  . ILE A 1 31 ? -0.817  9.021   5.925   1.00 40.03 ?  31  ILE A CA  1 
ATOM   212 C C   . ILE A 1 31 ? -1.090  9.656   4.567   1.00 29.40 ?  31  ILE A C   1 
ATOM   213 O O   . ILE A 1 31 ? -2.015  9.257   3.925   1.00 39.44 ?  31  ILE A O   1 
ATOM   214 C CB  . ILE A 1 31 ? -0.354  7.564   5.835   1.00 33.87 ?  31  ILE A CB  1 
ATOM   215 C CG1 . ILE A 1 31 ? -0.191  6.989   7.233   1.00 32.62 ?  31  ILE A CG1 1 
ATOM   216 C CG2 . ILE A 1 31 ? 0.945   7.519   5.072   1.00 31.67 ?  31  ILE A CG2 1 
ATOM   217 C CD1 . ILE A 1 31 ? 0.406   5.636   7.285   1.00 38.33 ?  31  ILE A CD1 1 
ATOM   218 N N   . LYS A 1 32 ? -0.239  10.566  4.140   1.00 29.43 ?  32  LYS A N   1 
ATOM   219 C CA  . LYS A 1 32 ? -0.576  11.315  2.921   1.00 33.25 ?  32  LYS A CA  1 
ATOM   220 C C   . LYS A 1 32 ? 0.218   10.877  1.708   1.00 30.10 ?  32  LYS A C   1 
ATOM   221 O O   . LYS A 1 32 ? 1.159   10.182  1.838   1.00 29.77 ?  32  LYS A O   1 
ATOM   222 C CB  . LYS A 1 32 ? -0.358  12.809  3.121   1.00 41.07 ?  32  LYS A CB  1 
ATOM   223 C CG  . LYS A 1 32 ? 0.904   13.187  3.853   1.00 49.84 ?  32  LYS A CG  1 
ATOM   224 C CD  . LYS A 1 32 ? 0.936   14.654  4.218   1.00 60.20 ?  32  LYS A CD  1 
ATOM   225 C CE  . LYS A 1 32 ? 2.324   15.226  4.082   1.00 55.27 ?  32  LYS A CE  1 
ATOM   226 N NZ  . LYS A 1 32 ? 2.613   15.660  2.698   1.00 67.53 ?  32  LYS A NZ  1 
ATOM   227 N N   . VAL A 1 33 ? -0.255  11.314  0.563   1.00 27.64 ?  33  VAL A N   1 
ATOM   228 C CA  . VAL A 1 33 ? 0.442   11.032  -0.712  1.00 25.15 ?  33  VAL A CA  1 
ATOM   229 C C   . VAL A 1 33 ? 1.832   11.654  -0.601  1.00 27.03 ?  33  VAL A C   1 
ATOM   230 O O   . VAL A 1 33 ? 1.954   12.765  -0.175  1.00 29.82 ?  33  VAL A O   1 
ATOM   231 C CB  . VAL A 1 33 ? -0.354  11.598  -1.896  1.00 30.25 ?  33  VAL A CB  1 
ATOM   232 C CG1 . VAL A 1 33 ? 0.435   11.548  -3.175  1.00 30.75 ?  33  VAL A CG1 1 
ATOM   233 C CG2 . VAL A 1 33 ? -1.623  10.823  -2.076  1.00 31.13 ?  33  VAL A CG2 1 
ATOM   234 N N   . GLY A 1 34 ? 2.830   10.922  -1.018  1.00 25.05 ?  34  GLY A N   1 
ATOM   235 C CA  . GLY A 1 34 ? 4.195   11.380  -0.911  1.00 29.90 ?  34  GLY A CA  1 
ATOM   236 C C   . GLY A 1 34 ? 4.904   10.940  0.353   1.00 28.48 ?  34  GLY A C   1 
ATOM   237 O O   . GLY A 1 34 ? 6.136   11.020  0.409   1.00 25.56 ?  34  GLY A O   1 
ATOM   238 N N   . ASP A 1 35 ? 4.158   10.486  1.365   1.00 24.16 ?  35  ASP A N   1 
ATOM   239 C CA  . ASP A 1 35 ? 4.775   9.962   2.578   1.00 25.34 ?  35  ASP A CA  1 
ATOM   240 C C   . ASP A 1 35 ? 5.578   8.706   2.278   1.00 25.77 ?  35  ASP A C   1 
ATOM   241 O O   . ASP A 1 35 ? 5.134   7.826   1.538   1.00 26.28 ?  35  ASP A O   1 
ATOM   242 C CB  . ASP A 1 35 ? 3.718   9.624   3.633   1.00 31.92 ?  35  ASP A CB  1 
ATOM   243 C CG  . ASP A 1 35 ? 3.305   10.816  4.461   1.00 34.09 ?  35  ASP A CG  1 
ATOM   244 O OD1 . ASP A 1 35 ? 3.861   11.917  4.263   1.00 35.80 ?  35  ASP A OD1 1 
ATOM   245 O OD2 . ASP A 1 35 ? 2.422   10.649  5.327   1.00 36.79 -1 35  ASP A OD2 1 
ATOM   246 N N   . VAL A 1 36 ? 6.748   8.611   2.893   1.00 20.21 ?  36  VAL A N   1 
ATOM   247 C CA  . VAL A 1 36 ? 7.572   7.415   2.795   1.00 24.39 ?  36  VAL A CA  1 
ATOM   248 C C   . VAL A 1 36 ? 7.098   6.411   3.829   1.00 21.47 ?  36  VAL A C   1 
ATOM   249 O O   . VAL A 1 36 ? 6.889   6.762   4.996   1.00 27.24 ?  36  VAL A O   1 
ATOM   250 C CB  . VAL A 1 36 ? 9.058   7.744   3.017   1.00 21.55 ?  36  VAL A CB  1 
ATOM   251 C CG1 . VAL A 1 36 ? 9.860   6.459   3.016   1.00 24.02 ?  36  VAL A CG1 1 
ATOM   252 C CG2 . VAL A 1 36 ? 9.530   8.702   1.960   1.00 23.71 ?  36  VAL A CG2 1 
ATOM   253 N N   . VAL A 1 37 ? 6.949   5.156   3.414   1.00 21.23 ?  37  VAL A N   1 
ATOM   254 C CA  . VAL A 1 37 ? 6.574   4.095   4.334   1.00 22.86 ?  37  VAL A CA  1 
ATOM   255 C C   . VAL A 1 37 ? 7.549   2.940   4.169   1.00 25.50 ?  37  VAL A C   1 
ATOM   256 O O   . VAL A 1 37 ? 8.134   2.733   3.103   1.00 24.51 ?  37  VAL A O   1 
ATOM   257 C CB  . VAL A 1 37 ? 5.114   3.628   4.122   1.00 26.21 ?  37  VAL A CB  1 
ATOM   258 C CG1 . VAL A 1 37 ? 4.146   4.780   4.406   1.00 26.32 ?  37  VAL A CG1 1 
ATOM   259 C CG2 . VAL A 1 37 ? 4.912   3.123   2.683   1.00 21.76 ?  37  VAL A CG2 1 
ATOM   260 N N   . GLU A 1 38 ? 7.736   2.195   5.250   1.00 22.41 ?  38  GLU A N   1 
ATOM   261 C CA  . GLU A 1 38 ? 8.446   0.929   5.209   1.00 24.27 ?  38  GLU A CA  1 
ATOM   262 C C   . GLU A 1 38 ? 7.418   -0.186  5.332   1.00 24.50 ?  38  GLU A C   1 
ATOM   263 O O   . GLU A 1 38 ? 6.557   -0.141  6.213   1.00 24.32 ?  38  GLU A O   1 
ATOM   264 C CB  . GLU A 1 38 ? 9.477   0.840   6.335   1.00 29.28 ?  38  GLU A CB  1 
ATOM   265 C CG  . GLU A 1 38 ? 10.212  -0.479  6.369   1.00 26.02 ?  38  GLU A CG  1 
ATOM   266 C CD  . GLU A 1 38 ? 10.951  -0.711  7.676   1.00 42.70 ?  38  GLU A CD  1 
ATOM   267 O OE1 . GLU A 1 38 ? 12.159  -0.393  7.749   1.00 32.78 ?  38  GLU A OE1 1 
ATOM   268 O OE2 . GLU A 1 38 ? 10.311  -1.201  8.631   1.00 44.67 -1 38  GLU A OE2 1 
ATOM   269 N N   . VAL A 1 39 ? 7.510   -1.178  4.452   1.00 21.58 ?  39  VAL A N   1 
ATOM   270 C CA  . VAL A 1 39 ? 6.513   -2.237  4.348   1.00 29.02 ?  39  VAL A CA  1 
ATOM   271 C C   . VAL A 1 39 ? 7.227   -3.563  4.517   1.00 27.35 ?  39  VAL A C   1 
ATOM   272 O O   . VAL A 1 39 ? 8.245   -3.803  3.861   1.00 28.71 ?  39  VAL A O   1 
ATOM   273 C CB  . VAL A 1 39 ? 5.784   -2.195  2.991   1.00 26.71 ?  39  VAL A CB  1 
ATOM   274 C CG1 . VAL A 1 39 ? 4.616   -3.194  2.983   1.00 26.23 ?  39  VAL A CG1 1 
ATOM   275 C CG2 . VAL A 1 39 ? 5.328   -0.789  2.673   1.00 24.40 ?  39  VAL A CG2 1 
ATOM   276 N N   . LYS A 1 40 ? 6.657   -4.389  5.383   1.00 27.85 ?  40  LYS A N   1 
ATOM   277 C CA  . LYS A 1 40 ? 7.207   -5.752  5.523   1.00 26.39 ?  40  LYS A CA  1 
ATOM   278 C C   . LYS A 1 40 ? 6.103   -6.794  5.687   1.00 26.20 ?  40  LYS A C   1 
ATOM   279 O O   . LYS A 1 40 ? 5.166   -6.566  6.353   1.00 23.88 ?  40  LYS A O   1 
ATOM   280 C CB  . LYS A 1 40 ? 8.264   -5.891  6.604   1.00 38.39 ?  40  LYS A CB  1 
ATOM   281 C CG  . LYS A 1 40 ? 7.991   -5.233  7.933   1.00 41.41 ?  40  LYS A CG  1 
ATOM   282 C CD  . LYS A 1 40 ? 9.063   -5.527  8.961   1.00 44.85 ?  40  LYS A CD  1 
ATOM   283 C CE  . LYS A 1 40 ? 8.757   -4.954  10.323  1.00 45.64 ?  40  LYS A CE  1 
ATOM   284 N NZ  . LYS A 1 40 ? 9.948   -4.879  11.196  1.00 50.71 ?  40  LYS A NZ  1 
ATOM   285 N N   . LYS A 1 41 ? 6.323   -7.923  5.061   1.00 23.38 ?  41  LYS A N   1 
ATOM   286 C CA  . LYS A 1 41 ? 5.374   -9.039  5.145   1.00 26.42 ?  41  LYS A CA  1 
ATOM   287 C C   . LYS A 1 41 ? 5.428   -9.597  6.561   1.00 31.64 ?  41  LYS A C   1 
ATOM   288 O O   . LYS A 1 41 ? 6.484   -9.647  7.126   1.00 28.82 ?  41  LYS A O   1 
ATOM   289 C CB  . LYS A 1 41 ? 5.730   -10.133 4.148   1.00 32.21 ?  41  LYS A CB  1 
ATOM   290 C CG  . LYS A 1 41 ? 4.751   -11.281 4.033   1.00 33.27 ?  41  LYS A CG  1 
ATOM   291 C CD  . LYS A 1 41 ? 5.341   -12.348 3.194   1.00 40.24 ?  41  LYS A CD  1 
ATOM   292 C CE  . LYS A 1 41 ? 4.557   -13.636 3.087   1.00 42.72 ?  41  LYS A CE  1 
ATOM   293 N NZ  . LYS A 1 41 ? 4.158   -14.155 4.407   1.00 54.17 ?  41  LYS A NZ  1 
ATOM   294 N N   . VAL A 1 42 ? 4.262   -9.932  7.081   1.00 26.48 ?  42  VAL A N   1 
ATOM   295 C CA  . VAL A 1 42 ? 4.116   -10.549 8.416   1.00 30.81 ?  42  VAL A CA  1 
ATOM   296 C C   . VAL A 1 42 ? 4.163   -12.049 8.184   1.00 38.80 ?  42  VAL A C   1 
ATOM   297 O O   . VAL A 1 42 ? 3.654   -12.494 7.215   1.00 42.54 ?  42  VAL A O   1 
ATOM   298 C CB  . VAL A 1 42 ? 2.752   -10.199 9.009   1.00 37.36 ?  42  VAL A CB  1 
ATOM   299 C CG1 . VAL A 1 42 ? 2.379   -11.146 10.116  1.00 33.49 ?  42  VAL A CG1 1 
ATOM   300 C CG2 . VAL A 1 42 ? 2.657   -8.754  9.421   1.00 32.04 ?  42  VAL A CG2 1 
ATOM   301 O OXT . VAL A 1 42 ? 4.726   -12.727 9.021   1.00 49.16 -1 42  VAL A OXT 1 
ATOM   302 N N   . PRO B 1 4  ? -3.566  4.664   16.436  1.00 76.97 ?  4   PRO B N   1 
ATOM   303 C CA  . PRO B 1 4  ? -2.725  3.966   15.444  1.00 74.83 ?  4   PRO B CA  1 
ATOM   304 C C   . PRO B 1 4  ? -1.291  3.839   15.969  1.00 66.95 ?  4   PRO B C   1 
ATOM   305 O O   . PRO B 1 4  ? -1.023  2.988   16.798  1.00 51.43 ?  4   PRO B O   1 
ATOM   306 C CB  . PRO B 1 4  ? -2.740  4.885   14.210  1.00 75.06 ?  4   PRO B CB  1 
ATOM   307 C CG  . PRO B 1 4  ? -3.376  6.202   14.688  1.00 74.83 ?  4   PRO B CG  1 
ATOM   308 C CD  . PRO B 1 4  ? -4.235  5.846   15.882  1.00 67.45 ?  4   PRO B CD  1 
ATOM   309 N N   . GLY B 1 5  ? -0.429  4.734   15.472  1.00 64.28 ?  5   GLY B N   1 
ATOM   310 C CA  . GLY B 1 5  ? 0.971   4.832   15.902  1.00 57.06 ?  5   GLY B CA  1 
ATOM   311 C C   . GLY B 1 5  ? 1.903   4.801   14.724  1.00 64.14 ?  5   GLY B C   1 
ATOM   312 O O   . GLY B 1 5  ? 2.934   4.173   14.852  1.00 65.24 ?  5   GLY B O   1 
ATOM   313 N N   . LYS B 1 6  ? 1.521   5.504   13.660  1.00 56.35 ?  6   LYS B N   1 
ATOM   314 C CA  . LYS B 1 6  ? 2.204   5.584   12.358  1.00 49.76 ?  6   LYS B CA  1 
ATOM   315 C C   . LYS B 1 6  ? 2.464   4.169   11.849  1.00 48.84 ?  6   LYS B C   1 
ATOM   316 O O   . LYS B 1 6  ? 3.171   4.049   10.902  1.00 44.98 ?  6   LYS B O   1 
ATOM   317 C CB  . LYS B 1 6  ? 3.423   6.505   12.402  1.00 55.61 ?  6   LYS B CB  1 
ATOM   318 C CG  . LYS B 1 6  ? 4.743   5.943   12.894  1.00 53.48 ?  6   LYS B CG  1 
ATOM   319 C CD  . LYS B 1 6  ? 5.853   6.991   12.846  1.00 56.30 ?  6   LYS B CD  1 
ATOM   320 C CE  . LYS B 1 6  ? 6.338   7.466   14.201  1.00 57.69 ?  6   LYS B CE  1 
ATOM   321 N NZ  . LYS B 1 6  ? 7.740   7.971   14.176  1.00 55.60 ?  6   LYS B NZ  1 
ATOM   322 N N   . LYS B 1 7  ? 1.820   3.172   12.434  1.00 31.34 ?  7   LYS B N   1 
ATOM   323 C CA  . LYS B 1 7  ? 2.076   1.796   12.026  1.00 33.80 ?  7   LYS B CA  1 
ATOM   324 C C   . LYS B 1 7  ? 0.779   1.006   12.029  1.00 34.62 ?  7   LYS B C   1 
ATOM   325 O O   . LYS B 1 7  ? 0.088   0.953   13.052  1.00 36.12 ?  7   LYS B O   1 
ATOM   326 C CB  . LYS B 1 7  ? 3.094   1.147   12.962  1.00 41.38 ?  7   LYS B CB  1 
ATOM   327 C CG  . LYS B 1 7  ? 3.398   -0.296  12.645  1.00 38.66 ?  7   LYS B CG  1 
ATOM   328 C CD  . LYS B 1 7  ? 4.670   -0.721  13.340  1.00 40.52 ?  7   LYS B CD  1 
ATOM   329 C CE  . LYS B 1 7  ? 4.557   -0.586  14.848  1.00 50.34 ?  7   LYS B CE  1 
ATOM   330 N NZ  . LYS B 1 7  ? 3.238   -1.049  15.362  1.00 53.35 ?  7   LYS B NZ  1 
ATOM   331 N N   . PHE B 1 8  ? 0.455   0.394   10.895  1.00 22.10 ?  8   PHE B N   1 
ATOM   332 C CA  . PHE B 1 8  ? -0.776  -0.366  10.764  1.00 26.90 ?  8   PHE B CA  1 
ATOM   333 C C   . PHE B 1 8  ? -0.480  -1.660  10.022  1.00 30.00 ?  8   PHE B C   1 
ATOM   334 O O   . PHE B 1 8  ? 0.604   -1.860  9.473   1.00 25.78 ?  8   PHE B O   1 
ATOM   335 C CB  . PHE B 1 8  ? -1.880  0.437   10.049  1.00 22.84 ?  8   PHE B CB  1 
ATOM   336 C CG  . PHE B 1 8  ? -1.568  0.763   8.606   1.00 28.76 ?  8   PHE B CG  1 
ATOM   337 C CD1 . PHE B 1 8  ? -0.747  1.830   8.278   1.00 31.55 ?  8   PHE B CD1 1 
ATOM   338 C CD2 . PHE B 1 8  ? -2.102  0.000   7.578   1.00 32.96 ?  8   PHE B CD2 1 
ATOM   339 C CE1 . PHE B 1 8  ? -0.456  2.121   6.947   1.00 27.00 ?  8   PHE B CE1 1 
ATOM   340 C CE2 . PHE B 1 8  ? -1.809  0.287   6.243   1.00 25.13 ?  8   PHE B CE2 1 
ATOM   341 C CZ  . PHE B 1 8  ? -0.986  1.346   5.942   1.00 22.90 ?  8   PHE B CZ  1 
ATOM   342 N N   . VAL B 1 9  ? -1.451  -2.577  10.042  1.00 23.66 ?  9   VAL B N   1 
ATOM   343 C CA  . VAL B 1 9  ? -1.360  -3.827  9.247   1.00 24.56 ?  9   VAL B CA  1 
ATOM   344 C C   . VAL B 1 9  ? -2.474  -3.835  8.215   1.00 31.15 ?  9   VAL B C   1 
ATOM   345 O O   . VAL B 1 9  ? -3.515  -3.279  8.435   1.00 27.23 ?  9   VAL B O   1 
ATOM   346 C CB  . VAL B 1 9  ? -1.401  -5.153  10.019  1.00 25.66 ?  9   VAL B CB  1 
ATOM   347 C CG1 . VAL B 1 9  ? -0.072  -5.530  10.614  1.00 26.57 ?  9   VAL B CG1 1 
ATOM   348 C CG2 . VAL B 1 9  ? -2.532  -5.220  11.002  1.00 24.87 ?  9   VAL B CG2 1 
ATOM   349 N N   . ALA B 1 10 ? -2.181  -4.479  7.109   1.00 22.83 ?  10  ALA B N   1 
ATOM   350 C CA  . ALA B 1 10 ? -3.165  -4.491  6.028   1.00 23.29 ?  10  ALA B CA  1 
ATOM   351 C C   . ALA B 1 10 ? -2.959  -5.695  5.123   1.00 21.97 ?  10  ALA B C   1 
ATOM   352 O O   . ALA B 1 10 ? -1.834  -6.153  4.911   1.00 22.70 ?  10  ALA B O   1 
ATOM   353 C CB  . ALA B 1 10 ? -3.119  -3.217  5.167   1.00 27.11 ?  10  ALA B CB  1 
ATOM   354 N N   . ARG B 1 11 ? -4.064  -6.188  4.583   1.00 21.02 ?  11  ARG B N   1 
ATOM   355 C CA  . ARG B 1 11 ? -4.036  -7.309  3.661   1.00 20.07 ?  11  ARG B CA  1 
ATOM   356 C C   . ARG B 1 11 ? -3.855  -6.777  2.249   1.00 21.15 ?  11  ARG B C   1 
ATOM   357 O O   . ARG B 1 11 ? -4.547  -5.839  1.852   1.00 22.42 ?  11  ARG B O   1 
ATOM   358 C CB  . ARG B 1 11 ? -5.327  -8.123  3.755   1.00 22.35 ?  11  ARG B CB  1 
ATOM   359 C CG  . ARG B 1 11 ? -5.246  -9.454  3.043   1.00 25.79 ?  11  ARG B CG  1 
ATOM   360 C CD  . ARG B 1 11 ? -6.429  -10.364 3.394   1.00 28.93 ?  11  ARG B CD  1 
ATOM   361 N NE  . ARG B 1 11 ? -6.432  -10.757 4.801   1.00 35.56 ?  11  ARG B NE  1 
ATOM   362 C CZ  . ARG B 1 11 ? -5.695  -11.746 5.312   1.00 49.25 ?  11  ARG B CZ  1 
ATOM   363 N NH1 . ARG B 1 11 ? -4.876  -12.458 4.541   1.00 37.21 ?  11  ARG B NH1 1 
ATOM   364 N NH2 . ARG B 1 11 ? -5.778  -12.026 6.604   1.00 45.73 ?  11  ARG B NH2 1 
ATOM   365 N N   . VAL B 1 12 ? -2.931  -7.380  1.504   1.00 22.14 ?  12  VAL B N   1 
ATOM   366 C CA  . VAL B 1 12 ? -2.679  -6.965  0.128   1.00 23.96 ?  12  VAL B CA  1 
ATOM   367 C C   . VAL B 1 12 ? -3.870  -7.365  -0.731  1.00 25.43 ?  12  VAL B C   1 
ATOM   368 O O   . VAL B 1 12 ? -4.378  -8.491  -0.631  1.00 23.77 ?  12  VAL B O   1 
ATOM   369 C CB  . VAL B 1 12 ? -1.369  -7.584  -0.387  1.00 24.83 ?  12  VAL B CB  1 
ATOM   370 C CG1 . VAL B 1 12 ? -1.207  -7.346  -1.881  1.00 26.10 ?  12  VAL B CG1 1 
ATOM   371 C CG2 . VAL B 1 12 ? -0.174  -7.015  0.380   1.00 22.14 ?  12  VAL B CG2 1 
ATOM   372 N N   . VAL B 1 13 ? -4.340  -6.434  -1.565  1.00 22.10 ?  13  VAL B N   1 
ATOM   373 C CA  . VAL B 1 13 ? -5.504  -6.657  -2.405  1.00 26.36 ?  13  VAL B CA  1 
ATOM   374 C C   . VAL B 1 13 ? -5.146  -6.284  -3.839  1.00 26.24 ?  13  VAL B C   1 
ATOM   375 O O   . VAL B 1 13 ? -4.085  -5.726  -4.124  1.00 24.99 ?  13  VAL B O   1 
ATOM   376 C CB  . VAL B 1 13 ? -6.731  -5.851  -1.925  1.00 25.23 ?  13  VAL B CB  1 
ATOM   377 C CG1 . VAL B 1 13 ? -7.162  -6.309  -0.530  1.00 22.55 ?  13  VAL B CG1 1 
ATOM   378 C CG2 . VAL B 1 13 ? -6.407  -4.357  -1.914  1.00 25.69 ?  13  VAL B CG2 1 
ATOM   379 N N   . GLU B 1 14 ? -6.050  -6.616  -4.748  1.00 23.55 ?  14  GLU B N   1 
ATOM   380 C CA  . GLU B 1 14 ? -5.945  -6.135  -6.117  1.00 23.26 ?  14  GLU B CA  1 
ATOM   381 C C   . GLU B 1 14 ? -6.748  -4.851  -6.250  1.00 23.10 ?  14  GLU B C   1 
ATOM   382 O O   . GLU B 1 14 ? -7.909  -4.794  -5.836  1.00 22.03 ?  14  GLU B O   1 
ATOM   383 C CB  . GLU B 1 14 ? -6.420  -7.205  -7.107  1.00 31.70 ?  14  GLU B CB  1 
ATOM   384 C CG  . GLU B 1 14 ? -5.391  -8.303  -7.331  1.00 35.09 ?  14  GLU B CG  1 
ATOM   385 C CD  . GLU B 1 14 ? -5.792  -9.273  -8.426  1.00 52.85 ?  14  GLU B CD  1 
ATOM   386 O OE1 . GLU B 1 14 ? -5.033  -10.243 -8.659  1.00 59.57 ?  14  GLU B OE1 1 
ATOM   387 O OE2 . GLU B 1 14 ? -6.855  -9.064  -9.052  1.00 52.76 -1 14  GLU B OE2 1 
ATOM   388 N N   . ALA B 1 15 ? -6.103  -3.818  -6.775  1.00 22.87 ?  15  ALA B N   1 
ATOM   389 C CA  . ALA B 1 15 ? -6.759  -2.514  -6.954  1.00 20.09 ?  15  ALA B CA  1 
ATOM   390 C C   . ALA B 1 15 ? -7.981  -2.692  -7.849  1.00 24.96 ?  15  ALA B C   1 
ATOM   391 O O   . ALA B 1 15 ? -7.924  -3.482  -8.757  1.00 20.69 ?  15  ALA B O   1 
ATOM   392 C CB  . ALA B 1 15 ? -5.805  -1.523  -7.553  1.00 21.19 ?  15  ALA B CB  1 
ATOM   393 N N   . ARG B 1 16 ? -9.010  -1.912  -7.580  1.00 17.67 ?  16  ARG B N   1 
ATOM   394 C CA  . ARG B 1 16 ? -10.238 -1.975  -8.390  1.00 27.14 ?  16  ARG B CA  1 
ATOM   395 C C   . ARG B 1 16 ? -10.492 -0.613  -9.027  1.00 25.32 ?  16  ARG B C   1 
ATOM   396 O O   . ARG B 1 16 ? -9.864  0.331   -8.658  1.00 24.60 ?  16  ARG B O   1 
ATOM   397 C CB  . ARG B 1 16 ? -11.420 -2.414  -7.527  1.00 31.17 ?  16  ARG B CB  1 
ATOM   398 C CG  . ARG B 1 16 ? -11.451 -1.813  -6.134  1.00 34.91 ?  16  ARG B CG  1 
ATOM   399 C CD  . ARG B 1 16 ? -12.715 -1.994  -5.326  1.00 29.19 ?  16  ARG B CD  1 
ATOM   400 N NE  . ARG B 1 16 ? -12.757 -3.184  -4.513  1.00 38.27 ?  16  ARG B NE  1 
ATOM   401 C CZ  . ARG B 1 16 ? -13.243 -3.237  -3.287  1.00 28.71 ?  16  ARG B CZ  1 
ATOM   402 N NH1 . ARG B 1 16 ? -13.249 -4.378  -2.651  1.00 27.35 ?  16  ARG B NH1 1 
ATOM   403 N NH2 . ARG B 1 16 ? -13.668 -2.151  -2.681  1.00 25.01 ?  16  ARG B NH2 1 
ATOM   404 N N   . ALA B 1 17 ? -11.484 -0.519  -9.894  1.00 21.40 ?  17  ALA B N   1 
ATOM   405 C CA  . ALA B 1 17 ? -11.782 0.777   -10.530 1.00 22.24 ?  17  ALA B CA  1 
ATOM   406 C C   . ALA B 1 17 ? -12.135 1.824   -9.473  1.00 27.40 ?  17  ALA B C   1 
ATOM   407 O O   . ALA B 1 17 ? -11.745 2.955   -9.629  1.00 22.36 ?  17  ALA B O   1 
ATOM   408 C CB  . ALA B 1 17 ? -12.882 0.602   -11.535 1.00 21.82 ?  17  ALA B CB  1 
ATOM   409 N N   . GLU B 1 18 ? -12.880 1.432   -8.440  1.00 23.95 ?  18  GLU B N   1 
ATOM   410 C CA  . GLU B 1 18 ? -13.264 2.369   -7.366  1.00 27.11 ?  18  GLU B CA  1 
ATOM   411 C C   . GLU B 1 18 ? -12.035 2.895   -6.606  1.00 24.62 ?  18  GLU B C   1 
ATOM   412 O O   . GLU B 1 18 ? -12.222 3.836   -5.901  1.00 25.59 ?  18  GLU B O   1 
ATOM   413 C CB  . GLU B 1 18 ? -14.275 1.720   -6.422  1.00 28.28 ?  18  GLU B CB  1 
ATOM   414 C CG  . GLU B 1 18 ? -15.593 1.401   -7.080  1.00 21.68 ?  18  GLU B CG  1 
ATOM   415 C CD  . GLU B 1 18 ? -15.675 0.039   -7.730  1.00 31.52 ?  18  GLU B CD  1 
ATOM   416 O OE1 . GLU B 1 18 ? -16.779 -0.377  -8.076  1.00 35.45 ?  18  GLU B OE1 1 
ATOM   417 O OE2 . GLU B 1 18 ? -14.663 -0.577  -7.879  1.00 25.65 -1 18  GLU B OE2 1 
ATOM   418 N N   . ASP B 1 19 ? -10.853 2.300   -6.773  1.00 23.78 ?  19  ASP B N   1 
ATOM   419 C CA  . ASP B 1 19 ? -9.669  2.768   -6.055  1.00 25.10 ?  19  ASP B CA  1 
ATOM   420 C C   . ASP B 1 19 ? -8.981  3.946   -6.735  1.00 23.07 ?  19  ASP B C   1 
ATOM   421 O O   . ASP B 1 19 ? -8.142  4.599   -6.114  1.00 21.37 ?  19  ASP B O   1 
ATOM   422 C CB  . ASP B 1 19 ? -8.659  1.625   -5.905  1.00 23.42 ?  19  ASP B CB  1 
ATOM   423 C CG  . ASP B 1 19 ? -9.146  0.532   -4.970  1.00 29.56 ?  19  ASP B CG  1 
ATOM   424 O OD1 . ASP B 1 19 ? -9.972  0.814   -4.076  1.00 27.31 ?  19  ASP B OD1 1 
ATOM   425 O OD2 . ASP B 1 19 ? -8.677  -0.614  -5.127  1.00 26.11 -1 19  ASP B OD2 1 
ATOM   426 N N   . VAL B 1 20 ? -9.301  4.230   -7.999  1.00 25.05 ?  20  VAL B N   1 
ATOM   427 C CA  . VAL B 1 20 ? -8.591  5.284   -8.708  1.00 26.89 ?  20  VAL B CA  1 
ATOM   428 C C   . VAL B 1 20 ? -8.763  6.596   -7.962  1.00 25.98 ?  20  VAL B C   1 
ATOM   429 O O   . VAL B 1 20 ? -9.881  6.995   -7.615  1.00 22.59 ?  20  VAL B O   1 
ATOM   430 C CB  . VAL B 1 20 ? -9.089  5.368   -10.155 1.00 27.10 ?  20  VAL B CB  1 
ATOM   431 C CG1 . VAL B 1 20 ? -8.439  6.519   -10.871 1.00 26.89 ?  20  VAL B CG1 1 
ATOM   432 C CG2 . VAL B 1 20 ? -8.787  4.065   -10.878 1.00 27.38 ?  20  VAL B CG2 1 
ATOM   433 N N   . GLY B 1 21 ? -7.644  7.255   -7.666  1.00 23.36 ?  21  GLY B N   1 
ATOM   434 C CA  . GLY B 1 21 ? -7.661  8.467   -6.877  1.00 25.09 ?  21  GLY B CA  1 
ATOM   435 C C   . GLY B 1 21 ? -7.409  8.258   -5.396  1.00 27.87 ?  21  GLY B C   1 
ATOM   436 O O   . GLY B 1 21 ? -7.209  9.239   -4.673  1.00 30.21 ?  21  GLY B O   1 
ATOM   437 N N   . LYS B 1 22 ? -7.407  7.005   -4.964  1.00 24.20 ?  22  LYS B N   1 
ATOM   438 C CA  . LYS B 1 22 ? -7.212  6.706   -3.532  1.00 28.24 ?  22  LYS B CA  1 
ATOM   439 C C   . LYS B 1 22 ? -5.727  6.557   -3.209  1.00 23.32 ?  22  LYS B C   1 
ATOM   440 O O   . LYS B 1 22 ? -4.987  6.222   -4.071  1.00 23.79 ?  22  LYS B O   1 
ATOM   441 C CB  . LYS B 1 22 ? -7.921  5.407   -3.162  1.00 31.38 ?  22  LYS B CB  1 
ATOM   442 C CG  . LYS B 1 22 ? -9.358  5.536   -2.698  1.00 37.72 ?  22  LYS B CG  1 
ATOM   443 C CD  . LYS B 1 22 ? -10.051 6.739   -3.225  1.00 45.33 ?  22  LYS B CD  1 
ATOM   444 C CE  . LYS B 1 22 ? -11.388 7.021   -2.575  1.00 53.48 ?  22  LYS B CE  1 
ATOM   445 N NZ  . LYS B 1 22 ? -11.804 8.433   -2.792  1.00 61.46 ?  22  LYS B NZ  1 
ATOM   446 N N   . ARG B 1 23 ? -5.385  6.799   -1.958  1.00 23.66 ?  23  ARG B N   1 
ATOM   447 C CA  . ARG B 1 23 ? -3.994  6.645   -1.493  1.00 27.19 ?  23  ARG B CA  1 
ATOM   448 C C   . ARG B 1 23 ? -3.690  5.152   -1.385  1.00 27.41 ?  23  ARG B C   1 
ATOM   449 O O   . ARG B 1 23 ? -4.429  4.447   -0.744  1.00 24.41 ?  23  ARG B O   1 
ATOM   450 C CB  . ARG B 1 23 ? -3.810  7.386   -0.169  1.00 29.21 ?  23  ARG B CB  1 
ATOM   451 C CG  . ARG B 1 23 ? -3.965  8.890   -0.305  1.00 35.12 ?  23  ARG B CG  1 
ATOM   452 C CD  . ARG B 1 23 ? -4.182  9.654   0.985   1.00 40.14 ?  23  ARG B CD  1 
ATOM   453 N NE  . ARG B 1 23 ? -4.710  8.752   1.979   1.00 48.41 ?  23  ARG B NE  1 
ATOM   454 C CZ  . ARG B 1 23 ? -5.929  8.797   2.483   1.00 50.31 ?  23  ARG B CZ  1 
ATOM   455 N NH1 . ARG B 1 23 ? -6.305  7.908   3.381   1.00 45.13 ?  23  ARG B NH1 1 
ATOM   456 N NH2 . ARG B 1 23 ? -6.766  9.742   2.105   1.00 66.47 ?  23  ARG B NH2 1 
ATOM   457 N N   . VAL B 1 24 ? -2.623  4.719   -2.036  1.00 24.22 ?  24  VAL B N   1 
ATOM   458 C CA  . VAL B 1 24 ? -2.192  3.300   -1.958  1.00 22.73 ?  24  VAL B CA  1 
ATOM   459 C C   . VAL B 1 24 ? -0.664  3.263   -1.970  1.00 25.79 ?  24  VAL B C   1 
ATOM   460 O O   . VAL B 1 24 ? -0.034  4.253   -2.176  1.00 23.93 ?  24  VAL B O   1 
ATOM   461 C CB  . VAL B 1 24 ? -2.673  2.465   -3.165  1.00 23.55 ?  24  VAL B CB  1 
ATOM   462 C CG1 . VAL B 1 24 ? -4.161  2.472   -3.378  1.00 21.11 ?  24  VAL B CG1 1 
ATOM   463 C CG2 . VAL B 1 24 ? -1.953  2.820   -4.446  1.00 21.86 ?  24  VAL B CG2 1 
ATOM   464 N N   . VAL B 1 25 ? -0.155  2.110   -1.638  1.00 19.90 ?  25  VAL B N   1 
ATOM   465 C CA  . VAL B 1 25 ? 1.234   1.770   -1.905  1.00 21.09 ?  25  VAL B CA  1 
ATOM   466 C C   . VAL B 1 25 ? 1.242   0.595   -2.868  1.00 26.69 ?  25  VAL B C   1 
ATOM   467 O O   . VAL B 1 25 ? 0.470   -0.354  -2.700  1.00 22.18 ?  25  VAL B O   1 
ATOM   468 C CB  . VAL B 1 25 ? 1.996   1.436   -0.617  1.00 26.81 ?  25  VAL B CB  1 
ATOM   469 C CG1 . VAL B 1 25 ? 3.343   0.762   -0.932  1.00 25.75 ?  25  VAL B CG1 1 
ATOM   470 C CG2 . VAL B 1 25 ? 2.235   2.704   0.164   1.00 32.92 ?  25  VAL B CG2 1 
ATOM   471 N N   . ILE B 1 26 ? 2.091   0.673   -3.875  1.00 25.12 ?  26  ILE B N   1 
ATOM   472 C CA  . ILE B 1 26 ? 2.242   -0.404  -4.879  1.00 21.83 ?  26  ILE B CA  1 
ATOM   473 C C   . ILE B 1 26 ? 3.078   -1.516  -4.254  1.00 25.63 ?  26  ILE B C   1 
ATOM   474 O O   . ILE B 1 26 ? 4.086   -1.251  -3.725  1.00 24.94 ?  26  ILE B O   1 
ATOM   475 C CB  . ILE B 1 26 ? 2.913   0.159   -6.135  1.00 22.85 ?  26  ILE B CB  1 
ATOM   476 C CG1 . ILE B 1 26 ? 2.167   1.377   -6.652  1.00 22.37 ?  26  ILE B CG1 1 
ATOM   477 C CG2 . ILE B 1 26 ? 3.070   -0.908  -7.202  1.00 23.40 ?  26  ILE B CG2 1 
ATOM   478 C CD1 . ILE B 1 26 ? 0.721   1.128   -6.934  1.00 28.89 ?  26  ILE B CD1 1 
ATOM   479 N N   . ILE B 1 27 ? 2.621   -2.743  -4.402  1.00 25.73 ?  27  ILE B N   1 
ATOM   480 C CA  . ILE B 1 27 ? 3.280   -3.894  -3.794  1.00 24.84 ?  27  ILE B CA  1 
ATOM   481 C C   . ILE B 1 27 ? 4.173   -4.551  -4.845  1.00 32.28 ?  27  ILE B C   1 
ATOM   482 O O   . ILE B 1 27 ? 3.654   -5.006  -5.875  1.00 31.45 ?  27  ILE B O   1 
ATOM   483 C CB  . ILE B 1 27 ? 2.261   -4.894  -3.231  1.00 22.00 ?  27  ILE B CB  1 
ATOM   484 C CG1 . ILE B 1 27 ? 1.399   -4.191  -2.182  1.00 24.24 ?  27  ILE B CG1 1 
ATOM   485 C CG2 . ILE B 1 27 ? 2.964   -6.138  -2.696  1.00 35.62 ?  27  ILE B CG2 1 
ATOM   486 C CD1 . ILE B 1 27 ? 2.172   -3.801  -0.918  1.00 25.33 ?  27  ILE B CD1 1 
ATOM   487 N N   . PRO B 1 28 ? 5.482   -4.620  -4.632  1.00 34.10 ?  28  PRO B N   1 
ATOM   488 C CA  . PRO B 1 28 ? 6.360   -5.245  -5.622  1.00 32.06 ?  28  PRO B CA  1 
ATOM   489 C C   . PRO B 1 28 ? 6.233   -6.765  -5.595  1.00 40.33 ?  28  PRO B C   1 
ATOM   490 O O   . PRO B 1 28 ? 5.550   -7.358  -4.752  1.00 31.56 ?  28  PRO B O   1 
ATOM   491 C CB  . PRO B 1 28 ? 7.758   -4.787  -5.191  1.00 37.75 ?  28  PRO B CB  1 
ATOM   492 C CG  . PRO B 1 28 ? 7.639   -4.613  -3.712  1.00 40.23 ?  28  PRO B CG  1 
ATOM   493 C CD  . PRO B 1 28 ? 6.230   -4.105  -3.473  1.00 37.19 ?  28  PRO B CD  1 
ATOM   494 N N   . LYS B 1 29 ? 6.898   -7.393  -6.562  1.00 37.54 ?  29  LYS B N   1 
ATOM   495 C CA  . LYS B 1 29 ? 6.886   -8.846  -6.670  1.00 40.36 ?  29  LYS B CA  1 
ATOM   496 C C   . LYS B 1 29 ? 7.535   -9.478  -5.444  1.00 39.31 ?  29  LYS B C   1 
ATOM   497 O O   . LYS B 1 29 ? 8.508   -8.952  -4.893  1.00 40.55 ?  29  LYS B O   1 
ATOM   498 C CB  . LYS B 1 29 ? 7.614   -9.288  -7.949  1.00 48.56 ?  29  LYS B CB  1 
ATOM   499 C CG  . LYS B 1 29 ? 7.396   -10.757 -8.282  1.00 60.24 ?  29  LYS B CG  1 
ATOM   500 C CD  . LYS B 1 29 ? 7.238   -11.024 -9.771  1.00 58.84 ?  29  LYS B CD  1 
ATOM   501 C CE  . LYS B 1 29 ? 6.681   -12.428 -10.000 1.00 66.26 ?  29  LYS B CE  1 
ATOM   502 N NZ  . LYS B 1 29 ? 6.769   -13.292 -8.779  1.00 53.84 ?  29  LYS B NZ  1 
ATOM   503 N N   . GLY B 1 30 ? 6.990   -10.613 -5.015  1.00 41.37 ?  30  GLY B N   1 
ATOM   504 C CA  . GLY B 1 30 ? 7.442   -11.310 -3.830  1.00 39.21 ?  30  GLY B CA  1 
ATOM   505 C C   . GLY B 1 30 ? 6.424   -11.319 -2.707  1.00 38.97 ?  30  GLY B C   1 
ATOM   506 O O   . GLY B 1 30 ? 6.497   -12.182 -1.819  1.00 41.20 ?  30  GLY B O   1 
ATOM   507 N N   . ILE B 1 31 ? 5.490   -10.375 -2.713  1.00 32.66 ?  31  ILE B N   1 
ATOM   508 C CA  . ILE B 1 31 ? 4.403   -10.316 -1.745  1.00 30.34 ?  31  ILE B CA  1 
ATOM   509 C C   . ILE B 1 31 ? 3.104   -10.517 -2.516  1.00 28.93 ?  31  ILE B C   1 
ATOM   510 O O   . ILE B 1 31 ? 2.860   -9.828  -3.514  1.00 31.23 ?  31  ILE B O   1 
ATOM   511 C CB  . ILE B 1 31 ? 4.399   -8.994  -0.967  1.00 33.44 ?  31  ILE B CB  1 
ATOM   512 C CG1 . ILE B 1 31 ? 5.707   -8.859  -0.170  1.00 25.70 ?  31  ILE B CG1 1 
ATOM   513 C CG2 . ILE B 1 31 ? 3.173   -8.915  -0.048  1.00 25.36 ?  31  ILE B CG2 1 
ATOM   514 C CD1 . ILE B 1 31 ? 5.718   -7.696  0.784   1.00 26.30 ?  31  ILE B CD1 1 
ATOM   515 N N   . LYS B 1 32 ? 2.301   -11.474 -2.069  1.00 30.75 ?  32  LYS B N   1 
ATOM   516 C CA  . LYS B 1 32 ? 1.138   -11.958 -2.798  1.00 31.13 ?  32  LYS B CA  1 
ATOM   517 C C   . LYS B 1 32 ? -0.144  -11.272 -2.339  1.00 30.62 ?  32  LYS B C   1 
ATOM   518 O O   . LYS B 1 32 ? -0.257  -10.791 -1.211  1.00 26.55 ?  32  LYS B O   1 
ATOM   519 C CB  . LYS B 1 32 ? 0.979   -13.474 -2.622  1.00 34.77 ?  32  LYS B CB  1 
ATOM   520 C CG  . LYS B 1 32 ? 2.228   -14.289 -2.926  1.00 44.91 ?  32  LYS B CG  1 
ATOM   521 C CD  . LYS B 1 32 ? 2.668   -15.083 -1.699  1.00 54.06 ?  32  LYS B CD  1 
ATOM   522 C CE  . LYS B 1 32 ? 4.012   -15.772 -1.916  1.00 63.26 ?  32  LYS B CE  1 
ATOM   523 N NZ  . LYS B 1 32 ? 4.327   -16.777 -0.850  1.00 62.72 ?  32  LYS B NZ  1 
ATOM   524 N N   . VAL B 1 33 ? -1.127  -11.241 -3.243  1.00 31.27 ?  33  VAL B N   1 
ATOM   525 C CA  . VAL B 1 33 ? -2.489  -10.945 -2.827  1.00 27.41 ?  33  VAL B CA  1 
ATOM   526 C C   . VAL B 1 33 ? -2.846  -11.870 -1.685  1.00 24.80 ?  33  VAL B C   1 
ATOM   527 O O   . VAL B 1 33 ? -2.587  -13.076 -1.749  1.00 30.86 ?  33  VAL B O   1 
ATOM   528 C CB  . VAL B 1 33 ? -3.473  -11.116 -3.999  1.00 27.35 ?  33  VAL B CB  1 
ATOM   529 C CG1 . VAL B 1 33 ? -4.891  -10.893 -3.518  1.00 35.12 ?  33  VAL B CG1 1 
ATOM   530 C CG2 . VAL B 1 33 ? -3.144  -10.158 -5.111  1.00 30.18 ?  33  VAL B CG2 1 
ATOM   531 N N   . GLY B 1 34 ? -3.446  -11.316 -0.635  1.00 28.45 ?  34  GLY B N   1 
ATOM   532 C CA  . GLY B 1 34 ? -3.822  -12.073 0.527   1.00 28.84 ?  34  GLY B CA  1 
ATOM   533 C C   . GLY B 1 34 ? -2.777  -12.057 1.622   1.00 25.04 ?  34  GLY B C   1 
ATOM   534 O O   . GLY B 1 34 ? -3.117  -12.271 2.795   1.00 27.98 ?  34  GLY B O   1 
ATOM   535 N N   . ASP B 1 35 ? -1.516  -11.823 1.269   1.00 26.61 ?  35  ASP B N   1 
ATOM   536 C CA  . ASP B 1 35 ? -0.486  -11.643 2.286   1.00 26.92 ?  35  ASP B CA  1 
ATOM   537 C C   . ASP B 1 35 ? -0.775  -10.409 3.124   1.00 21.67 ?  35  ASP B C   1 
ATOM   538 O O   . ASP B 1 35 ? -1.308  -9.412  2.640   1.00 22.46 ?  35  ASP B O   1 
ATOM   539 C CB  . ASP B 1 35 ? 0.904   -11.488 1.668   1.00 23.86 ?  35  ASP B CB  1 
ATOM   540 C CG  . ASP B 1 35 ? 1.495   -12.797 1.177   1.00 33.06 ?  35  ASP B CG  1 
ATOM   541 O OD1 . ASP B 1 35 ? 0.989   -13.870 1.554   1.00 42.97 ?  35  ASP B OD1 1 
ATOM   542 O OD2 . ASP B 1 35 ? 2.511   -12.745 0.449   1.00 30.03 -1 35  ASP B OD2 1 
ATOM   543 N N   . VAL B 1 36 ? -0.376  -10.468 4.389   1.00 22.51 ?  36  VAL B N   1 
ATOM   544 C CA  . VAL B 1 36 ? -0.525  -9.348  5.303   1.00 20.05 ?  36  VAL B CA  1 
ATOM   545 C C   . VAL B 1 36 ? 0.832   -8.665  5.420   1.00 25.96 ?  36  VAL B C   1 
ATOM   546 O O   . VAL B 1 36 ? 1.870   -9.335  5.465   1.00 27.70 ?  36  VAL B O   1 
ATOM   547 C CB  . VAL B 1 36 ? -1.046  -9.824  6.672   1.00 23.09 ?  36  VAL B CB  1 
ATOM   548 C CG1 . VAL B 1 36 ? -1.024  -8.703  7.653   1.00 26.58 ?  36  VAL B CG1 1 
ATOM   549 C CG2 . VAL B 1 36 ? -2.460  -10.387 6.540   1.00 22.83 ?  36  VAL B CG2 1 
ATOM   550 N N   . VAL B 1 37 ? 0.832   -7.330  5.419   1.00 21.08 ?  37  VAL B N   1 
ATOM   551 C CA  . VAL B 1 37 ? 2.045   -6.535  5.571   1.00 19.03 ?  37  VAL B CA  1 
ATOM   552 C C   . VAL B 1 37 ? 1.855   -5.568  6.729   1.00 27.33 ?  37  VAL B C   1 
ATOM   553 O O   . VAL B 1 37 ? 0.746   -5.101  7.009   1.00 24.35 ?  37  VAL B O   1 
ATOM   554 C CB  . VAL B 1 37 ? 2.432   -5.752  4.293   1.00 24.18 ?  37  VAL B CB  1 
ATOM   555 C CG1 . VAL B 1 37 ? 2.897   -6.693  3.187   1.00 29.79 ?  37  VAL B CG1 1 
ATOM   556 C CG2 . VAL B 1 37 ? 1.289   -4.852  3.823   1.00 25.19 ?  37  VAL B CG2 1 
ATOM   557 N N   . GLU B 1 38 ? 2.958   -5.282  7.411   1.00 17.77 ?  38  GLU B N   1 
ATOM   558 C CA  . GLU B 1 38 ? 3.023   -4.200  8.372   1.00 21.64 ?  38  GLU B CA  1 
ATOM   559 C C   . GLU B 1 38 ? 3.568   -2.964  7.661   1.00 28.49 ?  38  GLU B C   1 
ATOM   560 O O   . GLU B 1 38 ? 4.558   -3.053  6.927   1.00 28.09 ?  38  GLU B O   1 
ATOM   561 C CB  . GLU B 1 38 ? 3.915   -4.633  9.544   1.00 24.36 ?  38  GLU B CB  1 
ATOM   562 C CG  . GLU B 1 38 ? 4.265   -3.589  10.560  1.00 35.32 ?  38  GLU B CG  1 
ATOM   563 C CD  . GLU B 1 38 ? 5.278   -4.139  11.554  1.00 41.51 ?  38  GLU B CD  1 
ATOM   564 O OE1 . GLU B 1 38 ? 5.752   -3.376  12.416  1.00 56.43 ?  38  GLU B OE1 1 
ATOM   565 O OE2 . GLU B 1 38 ? 5.602   -5.340  11.464  1.00 44.64 -1 38  GLU B OE2 1 
ATOM   566 N N   . VAL B 1 39 ? 2.883   -1.832  7.819   1.00 23.62 ?  39  VAL B N   1 
ATOM   567 C CA  . VAL B 1 39 ? 3.237   -0.592  7.134   1.00 25.14 ?  39  VAL B CA  1 
ATOM   568 C C   . VAL B 1 39 ? 3.523   0.467   8.182   1.00 29.63 ?  39  VAL B C   1 
ATOM   569 O O   . VAL B 1 39 ? 2.723   0.674   9.098   1.00 26.76 ?  39  VAL B O   1 
ATOM   570 C CB  . VAL B 1 39 ? 2.124   -0.121  6.178   1.00 26.81 ?  39  VAL B CB  1 
ATOM   571 C CG1 . VAL B 1 39 ? 2.576   1.134   5.424   1.00 26.86 ?  39  VAL B CG1 1 
ATOM   572 C CG2 . VAL B 1 39 ? 1.746   -1.225  5.214   1.00 27.53 ?  39  VAL B CG2 1 
ATOM   573 N N   . LYS B 1 40 ? 4.674   1.125   8.053   1.00 24.59 ?  40  LYS B N   1 
ATOM   574 C CA  . LYS B 1 40 ? 5.088   2.134   9.011   1.00 25.92 ?  40  LYS B CA  1 
ATOM   575 C C   . LYS B 1 40 ? 5.451   3.397   8.251   1.00 27.24 ?  40  LYS B C   1 
ATOM   576 O O   . LYS B 1 40 ? 6.299   3.361   7.353   1.00 26.93 ?  40  LYS B O   1 
ATOM   577 C CB  . LYS B 1 40 ? 6.263   1.626   9.843   1.00 33.68 ?  40  LYS B CB  1 
ATOM   578 C CG  . LYS B 1 40 ? 6.849   2.627   10.800  1.00 41.30 ?  40  LYS B CG  1 
ATOM   579 C CD  . LYS B 1 40 ? 7.961   1.977   11.604  1.00 47.17 ?  40  LYS B CD  1 
ATOM   580 C CE  . LYS B 1 40 ? 8.822   1.073   10.726  1.00 51.45 ?  40  LYS B CE  1 
ATOM   581 N NZ  . LYS B 1 40 ? 9.448   1.790   9.577   1.00 54.92 ?  40  LYS B NZ  1 
ATOM   582 N N   . LYS B 1 41 ? 4.782   4.492   8.585   1.00 27.47 ?  41  LYS B N   1 
ATOM   583 C CA  . LYS B 1 41 ? 5.145   5.797   8.058   1.00 32.51 ?  41  LYS B CA  1 
ATOM   584 C C   . LYS B 1 41 ? 6.348   6.294   8.846   1.00 36.07 ?  41  LYS B C   1 
ATOM   585 O O   . LYS B 1 41 ? 6.298   6.371   10.077  1.00 30.38 ?  41  LYS B O   1 
ATOM   586 C CB  . LYS B 1 41 ? 3.966   6.764   8.163   1.00 33.02 ?  41  LYS B CB  1 
ATOM   587 C CG  . LYS B 1 41 ? 4.152   8.108   7.462   1.00 35.53 ?  41  LYS B CG  1 
ATOM   588 C CD  . LYS B 1 41 ? 4.522   9.200   8.462   1.00 38.80 ?  41  LYS B CD  1 
ATOM   589 C CE  . LYS B 1 41 ? 4.667   10.556  7.792   1.00 48.65 ?  41  LYS B CE  1 
ATOM   590 N NZ  . LYS B 1 41 ? 5.369   11.506  8.695   1.00 54.92 ?  41  LYS B NZ  1 
ATOM   591 N N   . VAL B 1 42 ? 7.433   6.601   8.150   1.00 30.29 ?  42  VAL B N   1 
ATOM   592 C CA  . VAL B 1 42 ? 8.668   6.994   8.823   1.00 27.90 ?  42  VAL B CA  1 
ATOM   593 C C   . VAL B 1 42 ? 8.883   8.495   8.746   1.00 39.24 ?  42  VAL B C   1 
ATOM   594 O O   . VAL B 1 42 ? 8.292   9.189   7.907   1.00 45.83 ?  42  VAL B O   1 
ATOM   595 C CB  . VAL B 1 42 ? 9.871   6.265   8.233   1.00 25.91 ?  42  VAL B CB  1 
ATOM   596 C CG1 . VAL B 1 42 ? 9.867   4.829   8.674   1.00 36.71 ?  42  VAL B CG1 1 
ATOM   597 C CG2 . VAL B 1 42 ? 9.860   6.368   6.716   1.00 24.03 ?  42  VAL B CG2 1 
ATOM   598 O OXT . VAL B 1 42 ? 9.678   9.031   9.514   1.00 49.38 -1 42  VAL B OXT 1 
HETATM 599 O O   . HOH C 2 .  ? 1.082   7.935   -11.266 1.00 33.74 ?  101 HOH A O   1 
HETATM 600 O O   . HOH C 2 .  ? -5.511  -2.380  -15.384 1.00 45.57 ?  102 HOH A O   1 
HETATM 601 O O   . HOH C 2 .  ? -4.435  8.844   -9.889  1.00 43.67 ?  103 HOH A O   1 
HETATM 602 O O   . HOH C 2 .  ? -4.085  7.304   -15.897 1.00 26.42 ?  104 HOH A O   1 
HETATM 603 O O   . HOH C 2 .  ? -5.791  7.312   -13.880 1.00 23.25 ?  105 HOH A O   1 
HETATM 604 O O   . HOH C 2 .  ? 0.093   2.057   -13.209 1.00 34.92 ?  106 HOH A O   1 
HETATM 605 O O   . HOH C 2 .  ? -2.249  3.693   -20.236 1.00 28.76 ?  107 HOH A O   1 
HETATM 606 O O   . HOH C 2 .  ? -6.652  5.155   0.794   1.00 30.39 ?  108 HOH A O   1 
HETATM 607 O O   . HOH C 2 .  ? -1.373  7.393   -18.397 1.00 23.06 ?  109 HOH A O   1 
HETATM 608 O O   . HOH C 2 .  ? 16.335  -2.031  7.341   1.00 43.68 ?  110 HOH A O   1 
HETATM 609 O O   . HOH C 2 .  ? 7.548   -1.825  8.494   1.00 37.22 ?  111 HOH A O   1 
HETATM 610 O O   . HOH C 2 .  ? -8.790  1.122   -15.209 1.00 33.04 ?  112 HOH A O   1 
HETATM 611 O O   . HOH C 2 .  ? 3.897   10.048  -4.423  1.00 34.06 ?  113 HOH A O   1 
HETATM 612 O O   . HOH C 2 .  ? -12.247 10.752  1.973   1.00 53.65 ?  114 HOH A O   1 
HETATM 613 O O   . HOH C 2 .  ? 1.239   -12.784 5.634   1.00 41.42 ?  115 HOH A O   1 
HETATM 614 O O   . HOH C 2 .  ? -2.119  -1.649  -16.569 1.00 44.19 ?  116 HOH A O   1 
HETATM 615 O O   . HOH C 2 .  ? 0.774   9.784   -6.983  1.00 40.77 ?  117 HOH A O   1 
HETATM 616 O O   . HOH C 2 .  ? -2.728  13.024  0.638   1.00 38.32 ?  118 HOH A O   1 
HETATM 617 O O   . HOH C 2 .  ? -7.669  1.609   5.674   1.00 44.08 ?  119 HOH A O   1 
HETATM 618 O O   . HOH C 2 .  ? 10.749  11.031  -5.211  1.00 46.80 ?  120 HOH A O   1 
HETATM 619 O O   . HOH C 2 .  ? 9.646   9.023   -5.432  1.00 43.00 ?  121 HOH A O   1 
HETATM 620 O O   . HOH C 2 .  ? 1.705   0.616   -14.884 1.00 40.93 ?  122 HOH A O   1 
HETATM 621 O O   . HOH C 2 .  ? -5.179  9.473   -12.217 1.00 34.69 ?  123 HOH A O   1 
HETATM 622 O O   . HOH D 2 .  ? -11.965 -5.861  -4.131  1.00 44.26 ?  101 HOH B O   1 
HETATM 623 O O   . HOH D 2 .  ? 10.560  11.335  9.886   1.00 46.40 ?  102 HOH B O   1 
HETATM 624 O O   . HOH D 2 .  ? -18.816 1.083   -7.765  1.00 28.10 ?  103 HOH B O   1 
HETATM 625 O O   . HOH D 2 .  ? -8.513  -9.350  5.548   1.00 34.07 ?  104 HOH B O   1 
HETATM 626 O O   . HOH D 2 .  ? 1.787   -4.254  -7.690  1.00 26.47 ?  105 HOH B O   1 
HETATM 627 O O   . HOH D 2 .  ? -15.104 -2.611  -9.631  1.00 28.02 ?  106 HOH B O   1 
HETATM 628 O O   . HOH D 2 .  ? -2.452  0.030   13.758  1.00 36.14 ?  107 HOH B O   1 
HETATM 629 O O   . HOH D 2 .  ? 0.852   0.326   15.838  1.00 34.08 ?  108 HOH B O   1 
HETATM 630 O O   . HOH D 2 .  ? -18.113 -2.742  -7.384  1.00 19.85 ?  109 HOH B O   1 
HETATM 631 O O   . HOH D 2 .  ? -6.744  -10.035 -0.273  1.00 25.77 ?  110 HOH B O   1 
HETATM 632 O O   . HOH D 2 .  ? -5.435  -1.348  7.584   1.00 42.86 ?  111 HOH B O   1 
HETATM 633 O O   . HOH D 2 .  ? -6.438  -4.998  5.645   1.00 33.32 ?  112 HOH B O   1 
HETATM 634 O O   . HOH D 2 .  ? -12.709 -3.031  -10.769 1.00 28.67 ?  113 HOH B O   1 
HETATM 635 O O   . HOH D 2 .  ? -3.624  -1.807  11.849  1.00 27.79 ?  114 HOH B O   1 
HETATM 636 O O   . HOH D 2 .  ? -8.244  -8.516  -4.114  1.00 33.91 ?  115 HOH B O   1 
HETATM 637 O O   . HOH D 2 .  ? -7.662  7.625   -0.194  1.00 32.04 ?  116 HOH B O   1 
HETATM 638 O O   . HOH D 2 .  ? -6.591  10.861  -2.114  1.00 43.39 ?  117 HOH B O   1 
HETATM 639 O O   . HOH D 2 .  ? -11.261 -6.322  -6.253  1.00 49.87 ?  118 HOH B O   1 
HETATM 640 O O   . HOH D 2 .  ? -11.938 -5.229  -10.244 1.00 36.34 ?  119 HOH B O   1 
HETATM 641 O O   . HOH D 2 .  ? -10.567 -9.822  7.394   1.00 40.55 ?  120 HOH B O   1 
# 
